data_7NI3
#
_entry.id   7NI3
#
_cell.length_a   92.660
_cell.length_b   63.640
_cell.length_c   111.030
_cell.angle_alpha   90.00
_cell.angle_beta   97.15
_cell.angle_gamma   90.00
#
_symmetry.space_group_name_H-M   'P 1 21 1'
#
loop_
_entity.id
_entity.type
_entity.pdbx_description
1 polymer Myeloperoxidase
2 polymer Myeloperoxidase
3 branched beta-D-mannopyranose-(1-4)-2-acetamido-2-deoxy-beta-D-glucopyranose-(1-4)-[alpha-L-fucopyranose-(1-6)]2-acetamido-2-deoxy-beta-D-glucopyranose
4 non-polymer 'PROTOPORPHYRIN IX CONTAINING FE'
5 non-polymer 'CHLORIDE ION'
6 non-polymer 2-sulfanylidene-3-[(2R)-tetrahydro-2-furanylmethyl]-1,2,3,7-tetrahydro-6H-purin-6-one
7 non-polymer 'CALCIUM ION'
8 non-polymer 2-acetamido-2-deoxy-beta-D-glucopyranose
9 non-polymer beta-D-mannopyranose
10 water water
#
loop_
_entity_poly.entity_id
_entity_poly.type
_entity_poly.pdbx_seq_one_letter_code
_entity_poly.pdbx_strand_id
1 'polypeptide(L)'
;CPEQDKYRTITGMCNNRRSPTLGASNRAFVRWLPAEYEDGFSLPYGWTPGVKRNGFPVALARAVSNEIVRFPTDQLTPDQ
ERSLMFMQWGQLLDHDLDFTPEPAA
;
A,B
2 'polypeptide(L)'
;VNCETSCVQQPPCFPLKIPPNDPRIKNQADCIPFFRS(CSO)PACPGSNITIRNQINALTSFVDASMVYGSEEPLARNLR
NMSNQLGLLAVNQRFQDNGRALLPFDNLHDDPCLLTNRSARIPCFLAGDTRSSEMPELTSMHTLLLREHNRLATELKSLN
PRWDGERLYQEARKIVGAMVQIITYRDYLPLVLGPTAMRKYLPTYRSYNDSVDPRIANVFTNAFRYGHTLIQPFMFRLDN
RYQPMEPNPRVPLSRVFFASWRVVLEGGIDPILRGLMATPAKLNRQNQIAVDEIRERLFEQVMRIGLDLPALNMQRSRDH
GLPGYNAWRRFCGLPQPETVGQLGTVLRNLKLARKLMEQYGTPNNIDIWMGGVSEPLKRKGRVGPLLACIIGTQFRKLRD
GDRFWWENEGVFSMQQRQALAQISLPRIICDNTGITTVSKNNIFMSNSYPRDFVNCSTLPALNLASWREA
;
C,D
#
loop_
_chem_comp.id
_chem_comp.type
_chem_comp.name
_chem_comp.formula
BMA D-saccharide, beta linking beta-D-mannopyranose 'C6 H12 O6'
CA non-polymer 'CALCIUM ION' 'Ca 2'
CL non-polymer 'CHLORIDE ION' 'Cl -1'
FUC L-saccharide, alpha linking alpha-L-fucopyranose 'C6 H12 O5'
HEM non-polymer 'PROTOPORPHYRIN IX CONTAINING FE' 'C34 H32 Fe N4 O4'
NAG D-saccharide, beta linking 2-acetamido-2-deoxy-beta-D-glucopyranose 'C8 H15 N O6'
UE8 non-polymer 2-sulfanylidene-3-[(2R)-tetrahydro-2-furanylmethyl]-1,2,3,7-tetrahydro-6H-purin-6-one 'C10 H12 N4 O2 S'
#
# COMPACT_ATOMS: atom_id res chain seq x y z
N CYS A 1 7.30 18.51 -13.07
CA CYS A 1 8.65 18.50 -12.51
C CYS A 1 9.65 19.09 -13.53
N PRO A 2 10.57 19.99 -13.11
CA PRO A 2 11.56 20.54 -14.07
C PRO A 2 12.45 19.43 -14.63
N GLU A 3 12.69 19.45 -15.96
CA GLU A 3 13.44 18.43 -16.71
C GLU A 3 14.92 18.32 -16.29
N GLN A 4 15.52 19.45 -15.86
CA GLN A 4 16.90 19.49 -15.37
C GLN A 4 16.91 20.18 -14.02
N ASP A 5 17.52 19.55 -13.05
CA ASP A 5 17.61 20.07 -11.69
C ASP A 5 18.90 19.59 -11.04
N LYS A 6 19.61 20.54 -10.42
CA LYS A 6 20.87 20.29 -9.74
C LYS A 6 20.61 20.03 -8.27
N TYR A 7 19.48 20.57 -7.75
CA TYR A 7 19.15 20.50 -6.34
C TYR A 7 17.80 19.91 -6.03
N ARG A 8 17.72 19.31 -4.85
CA ARG A 8 16.51 18.76 -4.27
C ARG A 8 15.55 19.91 -3.98
N THR A 9 14.25 19.63 -4.05
CA THR A 9 13.26 20.59 -3.58
C THR A 9 13.30 20.40 -2.05
N ILE A 10 12.81 21.37 -1.26
CA ILE A 10 12.82 21.21 0.19
C ILE A 10 11.88 20.07 0.66
N THR A 11 10.74 19.89 -0.04
CA THR A 11 9.69 18.93 0.30
C THR A 11 9.96 17.49 -0.13
N GLY A 12 10.92 17.30 -1.03
CA GLY A 12 11.23 15.98 -1.57
C GLY A 12 10.44 15.69 -2.83
N MET A 13 9.45 16.54 -3.16
CA MET A 13 8.62 16.47 -4.36
C MET A 13 9.54 16.45 -5.59
N CYS A 14 9.19 15.65 -6.60
CA CYS A 14 9.91 15.53 -7.89
C CYS A 14 11.23 14.75 -7.82
N ASN A 15 11.58 14.16 -6.67
CA ASN A 15 12.78 13.31 -6.56
C ASN A 15 12.51 12.09 -7.47
N ASN A 16 11.31 11.50 -7.36
CA ASN A 16 10.86 10.43 -8.23
C ASN A 16 9.96 11.13 -9.27
N ARG A 17 10.37 11.18 -10.52
CA ARG A 17 9.60 11.87 -11.57
C ARG A 17 8.30 11.15 -11.99
N ARG A 18 8.27 9.82 -11.91
CA ARG A 18 7.07 9.06 -12.26
C ARG A 18 5.97 9.16 -11.20
N SER A 19 6.36 9.23 -9.90
CA SER A 19 5.44 9.35 -8.78
C SER A 19 6.09 10.42 -7.88
N PRO A 20 5.87 11.74 -8.19
CA PRO A 20 6.65 12.79 -7.54
C PRO A 20 6.34 13.12 -6.07
N THR A 21 5.47 12.37 -5.37
CA THR A 21 5.26 12.62 -3.93
C THR A 21 6.07 11.60 -3.08
N LEU A 22 6.63 10.54 -3.73
CA LEU A 22 7.37 9.48 -3.03
C LEU A 22 8.61 10.00 -2.32
N GLY A 23 8.61 9.86 -1.01
CA GLY A 23 9.67 10.36 -0.16
C GLY A 23 9.47 11.84 0.18
N ALA A 24 8.41 12.47 -0.37
CA ALA A 24 8.12 13.87 -0.08
C ALA A 24 7.39 13.97 1.26
N SER A 25 7.50 15.14 1.92
CA SER A 25 6.91 15.43 3.21
C SER A 25 5.38 15.52 3.19
N ASN A 26 4.75 15.23 4.33
CA ASN A 26 3.30 15.33 4.57
C ASN A 26 2.49 14.39 3.71
N ARG A 27 2.96 13.15 3.63
CA ARG A 27 2.34 12.08 2.88
C ARG A 27 2.26 10.87 3.79
N ALA A 28 1.26 10.03 3.58
CA ALA A 28 1.05 8.83 4.39
C ALA A 28 2.25 7.89 4.25
N PHE A 29 2.62 7.19 5.34
CA PHE A 29 3.70 6.20 5.27
C PHE A 29 3.29 5.10 4.30
N VAL A 30 4.27 4.38 3.74
CA VAL A 30 3.96 3.19 2.98
C VAL A 30 3.76 2.06 4.02
N ARG A 31 2.97 1.03 3.68
CA ARG A 31 2.79 -0.11 4.56
C ARG A 31 3.44 -1.32 3.90
N TRP A 32 4.31 -2.03 4.65
CA TRP A 32 4.94 -3.24 4.16
C TRP A 32 4.02 -4.43 4.46
N LEU A 33 3.10 -4.27 5.43
CA LEU A 33 2.10 -5.29 5.77
C LEU A 33 0.75 -4.61 6.02
N PRO A 34 -0.40 -5.28 5.78
CA PRO A 34 -1.70 -4.64 6.08
C PRO A 34 -1.80 -4.31 7.58
N ALA A 35 -2.52 -3.22 7.92
CA ALA A 35 -2.70 -2.80 9.31
C ALA A 35 -3.58 -3.75 10.09
N GLU A 36 -3.34 -3.89 11.42
CA GLU A 36 -4.14 -4.70 12.32
C GLU A 36 -4.70 -3.82 13.39
N TYR A 37 -5.99 -3.55 13.28
CA TYR A 37 -6.77 -2.75 14.21
C TYR A 37 -7.87 -3.62 14.77
N GLU A 38 -8.29 -3.32 16.01
CA GLU A 38 -9.34 -3.99 16.75
C GLU A 38 -10.67 -4.13 15.99
N ASP A 39 -11.00 -3.13 15.16
CA ASP A 39 -12.22 -3.06 14.35
C ASP A 39 -11.90 -3.29 12.86
N GLY A 40 -10.61 -3.51 12.56
CA GLY A 40 -10.14 -3.71 11.20
C GLY A 40 -9.72 -2.46 10.45
N PHE A 41 -10.14 -1.25 10.92
CA PHE A 41 -9.82 -0.03 10.16
C PHE A 41 -9.36 1.20 10.97
N SER A 42 -9.60 1.27 12.30
CA SER A 42 -9.23 2.49 13.03
C SER A 42 -8.83 2.33 14.50
N LEU A 43 -9.62 1.58 15.29
CA LEU A 43 -9.38 1.43 16.73
C LEU A 43 -8.17 0.54 17.03
N PRO A 44 -7.26 1.01 17.90
CA PRO A 44 -6.07 0.21 18.21
C PRO A 44 -6.32 -0.94 19.19
N TYR A 45 -5.48 -1.98 19.12
CA TYR A 45 -5.60 -3.06 20.10
C TYR A 45 -5.37 -2.50 21.51
N GLY A 46 -6.30 -2.81 22.40
CA GLY A 46 -6.31 -2.30 23.76
C GLY A 46 -7.33 -1.20 24.01
N TRP A 47 -8.04 -0.77 22.95
CA TRP A 47 -9.03 0.28 23.06
C TRP A 47 -10.29 -0.16 23.75
N THR A 48 -10.81 -1.35 23.38
CA THR A 48 -12.06 -1.81 23.96
C THR A 48 -11.77 -2.83 25.06
N PRO A 49 -12.25 -2.58 26.30
CA PRO A 49 -12.05 -3.57 27.37
C PRO A 49 -12.63 -4.94 27.01
N GLY A 50 -11.85 -5.98 27.27
CA GLY A 50 -12.27 -7.36 27.00
C GLY A 50 -12.07 -7.84 25.58
N VAL A 51 -11.72 -6.91 24.65
CA VAL A 51 -11.51 -7.33 23.26
C VAL A 51 -10.09 -7.88 23.10
N LYS A 52 -10.00 -9.17 22.74
CA LYS A 52 -8.75 -9.93 22.57
C LYS A 52 -8.07 -9.73 21.22
N ARG A 53 -6.75 -9.95 21.18
CA ARG A 53 -6.00 -9.88 19.93
C ARG A 53 -5.54 -11.29 19.64
N ASN A 54 -6.00 -11.86 18.52
CA ASN A 54 -5.63 -13.21 18.04
C ASN A 54 -5.79 -14.28 19.15
N GLY A 55 -6.92 -14.23 19.85
CA GLY A 55 -7.27 -15.18 20.90
C GLY A 55 -6.68 -14.92 22.28
N PHE A 56 -5.91 -13.81 22.44
CA PHE A 56 -5.27 -13.52 23.72
C PHE A 56 -5.52 -12.10 24.23
N PRO A 57 -5.51 -11.89 25.57
CA PRO A 57 -5.70 -10.52 26.08
C PRO A 57 -4.54 -9.62 25.62
N VAL A 58 -4.85 -8.34 25.36
CA VAL A 58 -3.85 -7.36 24.97
C VAL A 58 -3.07 -7.01 26.24
N ALA A 59 -1.75 -7.21 26.21
CA ALA A 59 -0.90 -6.91 27.35
C ALA A 59 -0.72 -5.40 27.42
N LEU A 60 -0.76 -4.82 28.64
CA LEU A 60 -0.56 -3.39 28.86
C LEU A 60 0.91 -3.13 28.55
N ALA A 61 1.20 -2.07 27.73
CA ALA A 61 2.57 -1.72 27.34
C ALA A 61 3.41 -1.43 28.56
N ARG A 62 2.79 -0.80 29.60
CA ARG A 62 3.42 -0.48 30.89
C ARG A 62 3.80 -1.76 31.65
N ALA A 63 2.91 -2.78 31.69
CA ALA A 63 3.21 -4.07 32.33
C ALA A 63 4.33 -4.79 31.59
N VAL A 64 4.32 -4.76 30.24
CA VAL A 64 5.37 -5.40 29.42
C VAL A 64 6.72 -4.76 29.77
N SER A 65 6.74 -3.42 29.88
CA SER A 65 7.90 -2.62 30.26
C SER A 65 8.39 -2.96 31.68
N ASN A 66 7.47 -3.14 32.67
CA ASN A 66 7.81 -3.47 34.05
C ASN A 66 8.41 -4.84 34.18
N GLU A 67 7.84 -5.80 33.46
CA GLU A 67 8.24 -7.21 33.55
C GLU A 67 9.40 -7.61 32.68
N ILE A 68 9.62 -6.93 31.55
CA ILE A 68 10.68 -7.33 30.62
C ILE A 68 11.78 -6.27 30.45
N VAL A 69 11.43 -4.99 30.38
CA VAL A 69 12.37 -3.89 30.11
C VAL A 69 13.11 -3.42 31.37
N ARG A 70 12.39 -3.24 32.51
CA ARG A 70 12.93 -2.79 33.79
C ARG A 70 14.15 -3.62 34.21
N PHE A 71 15.21 -2.93 34.69
CA PHE A 71 16.46 -3.53 35.18
C PHE A 71 17.19 -2.56 36.12
N PRO A 72 18.04 -3.01 37.07
CA PRO A 72 18.73 -2.03 37.94
C PRO A 72 19.83 -1.29 37.18
N THR A 73 19.70 0.04 37.05
CA THR A 73 20.61 0.90 36.29
C THR A 73 22.09 0.72 36.70
N ASP A 74 22.37 0.34 37.97
CA ASP A 74 23.73 0.11 38.46
C ASP A 74 24.42 -1.07 37.73
N GLN A 75 23.62 -2.00 37.15
CA GLN A 75 24.09 -3.18 36.42
C GLN A 75 24.46 -2.88 34.95
N LEU A 76 24.13 -1.67 34.45
CA LEU A 76 24.35 -1.23 33.07
C LEU A 76 25.70 -1.68 32.53
N THR A 77 25.68 -2.34 31.36
CA THR A 77 26.87 -2.81 30.67
C THR A 77 27.27 -1.76 29.63
N PRO A 78 28.42 -1.08 29.81
CA PRO A 78 28.86 -0.12 28.78
C PRO A 78 29.34 -0.92 27.56
N ASP A 79 29.06 -0.41 26.36
CA ASP A 79 29.51 -1.05 25.15
C ASP A 79 30.96 -0.67 24.94
N GLN A 80 31.85 -1.66 24.97
CA GLN A 80 33.30 -1.46 24.81
C GLN A 80 33.68 -1.15 23.38
N GLU A 81 32.79 -1.47 22.43
CA GLU A 81 32.98 -1.26 21.00
C GLU A 81 32.10 -0.16 20.38
N ARG A 82 31.34 0.58 21.20
CA ARG A 82 30.51 1.70 20.71
C ARG A 82 30.60 2.89 21.60
N SER A 83 30.60 4.10 21.00
CA SER A 83 30.61 5.37 21.74
C SER A 83 29.17 5.89 21.85
N LEU A 84 28.93 6.83 22.78
CA LEU A 84 27.60 7.42 22.91
C LEU A 84 27.19 8.17 21.63
N MET A 85 28.18 8.62 20.82
CA MET A 85 27.98 9.26 19.53
C MET A 85 27.19 8.32 18.58
N PHE A 86 27.37 6.97 18.72
CA PHE A 86 26.67 5.94 17.95
C PHE A 86 25.16 6.02 18.23
N MET A 87 24.78 6.23 19.51
CA MET A 87 23.38 6.43 19.91
C MET A 87 22.91 7.78 19.29
N GLN A 88 23.65 8.87 19.56
CA GLN A 88 23.30 10.23 19.11
C GLN A 88 23.11 10.39 17.61
N TRP A 89 23.96 9.75 16.79
CA TRP A 89 23.82 9.82 15.34
C TRP A 89 22.50 9.18 14.91
N GLY A 90 22.12 8.08 15.56
CA GLY A 90 20.89 7.37 15.29
C GLY A 90 19.66 8.22 15.50
N GLN A 91 19.60 8.93 16.63
CA GLN A 91 18.46 9.84 16.86
C GLN A 91 18.53 10.97 15.80
N LEU A 92 19.70 11.60 15.62
CA LEU A 92 19.85 12.68 14.63
C LEU A 92 19.38 12.19 13.22
N LEU A 93 19.83 10.98 12.79
CA LEU A 93 19.46 10.37 11.53
C LEU A 93 17.95 10.09 11.46
N ASP A 94 17.33 9.49 12.51
CA ASP A 94 15.88 9.24 12.57
C ASP A 94 15.12 10.55 12.24
N HIS A 95 15.63 11.66 12.75
CA HIS A 95 15.02 12.98 12.62
C HIS A 95 15.16 13.59 11.21
N ASP A 96 15.93 12.92 10.33
CA ASP A 96 16.08 13.27 8.91
C ASP A 96 15.06 12.43 8.15
N LEU A 97 14.69 11.27 8.72
CA LEU A 97 13.83 10.29 8.07
C LEU A 97 12.33 10.41 8.38
N ASP A 98 11.95 10.51 9.69
CA ASP A 98 10.53 10.51 10.03
C ASP A 98 10.13 11.27 11.30
N PHE A 99 8.97 11.96 11.24
CA PHE A 99 8.29 12.65 12.37
C PHE A 99 6.83 12.39 12.12
N THR A 100 6.21 11.69 13.07
CA THR A 100 4.80 11.32 13.02
C THR A 100 4.01 12.35 13.81
N PRO A 101 3.26 13.27 13.14
CA PRO A 101 2.51 14.28 13.90
C PRO A 101 1.33 13.72 14.67
N GLU A 102 1.00 14.46 15.74
CA GLU A 102 -0.10 14.25 16.67
C GLU A 102 -0.83 15.58 16.81
N PRO A 103 -2.11 15.59 17.25
CA PRO A 103 -2.78 16.90 17.48
C PRO A 103 -2.18 17.61 18.68
N ALA A 104 -2.14 18.95 18.66
CA ALA A 104 -1.67 19.74 19.78
C ALA A 104 -2.55 19.51 21.03
N ALA A 105 -1.98 19.66 22.25
CA ALA A 105 -2.66 19.49 23.54
C ALA A 105 -3.89 20.39 23.71
N CYS B 1 -14.51 -10.23 15.62
CA CYS B 1 -14.93 -11.34 14.76
C CYS B 1 -15.37 -12.57 15.56
N PRO B 2 -16.54 -13.19 15.24
CA PRO B 2 -16.96 -14.40 16.01
C PRO B 2 -15.96 -15.53 15.80
N GLU B 3 -15.62 -16.25 16.89
CA GLU B 3 -14.63 -17.34 16.92
C GLU B 3 -14.99 -18.56 16.07
N GLN B 4 -16.27 -18.80 15.84
CA GLN B 4 -16.76 -19.89 14.99
C GLN B 4 -17.78 -19.30 14.02
N ASP B 5 -17.51 -19.50 12.72
CA ASP B 5 -18.33 -19.02 11.62
C ASP B 5 -18.31 -20.00 10.45
N LYS B 6 -19.41 -20.71 10.28
CA LYS B 6 -19.58 -21.70 9.21
C LYS B 6 -19.75 -20.97 7.89
N TYR B 7 -20.24 -19.72 7.95
CA TYR B 7 -20.54 -18.94 6.76
C TYR B 7 -19.87 -17.60 6.69
N ARG B 8 -19.65 -17.14 5.46
CA ARG B 8 -19.10 -15.84 5.17
C ARG B 8 -20.11 -14.76 5.61
N THR B 9 -19.59 -13.59 5.96
CA THR B 9 -20.44 -12.43 6.20
C THR B 9 -20.73 -11.93 4.77
N ILE B 10 -21.79 -11.15 4.57
CA ILE B 10 -22.13 -10.62 3.26
C ILE B 10 -21.06 -9.65 2.74
N THR B 11 -20.47 -8.83 3.66
CA THR B 11 -19.48 -7.79 3.34
C THR B 11 -18.05 -8.30 3.10
N GLY B 12 -17.75 -9.54 3.51
CA GLY B 12 -16.39 -10.08 3.43
C GLY B 12 -15.58 -9.79 4.68
N MET B 13 -16.12 -8.95 5.58
CA MET B 13 -15.53 -8.60 6.88
C MET B 13 -15.27 -9.88 7.66
N CYS B 14 -14.14 -9.96 8.39
CA CYS B 14 -13.75 -11.09 9.24
C CYS B 14 -13.27 -12.34 8.51
N ASN B 15 -13.13 -12.28 7.18
CA ASN B 15 -12.58 -13.43 6.42
C ASN B 15 -11.12 -13.56 6.88
N ASN B 16 -10.39 -12.44 6.94
CA ASN B 16 -9.04 -12.40 7.48
C ASN B 16 -9.22 -11.86 8.93
N ARG B 17 -8.96 -12.71 9.94
CA ARG B 17 -9.15 -12.31 11.34
C ARG B 17 -8.12 -11.29 11.85
N ARG B 18 -6.87 -11.31 11.32
CA ARG B 18 -5.85 -10.35 11.72
C ARG B 18 -6.09 -8.94 11.17
N SER B 19 -6.62 -8.85 9.94
CA SER B 19 -6.94 -7.58 9.28
C SER B 19 -8.34 -7.80 8.66
N PRO B 20 -9.42 -7.65 9.46
CA PRO B 20 -10.75 -8.06 9.01
C PRO B 20 -11.45 -7.23 7.92
N THR B 21 -10.82 -6.21 7.33
CA THR B 21 -11.48 -5.51 6.19
C THR B 21 -10.92 -6.03 4.83
N LEU B 22 -9.82 -6.83 4.86
CA LEU B 22 -9.17 -7.34 3.64
C LEU B 22 -10.09 -8.22 2.82
N GLY B 23 -10.40 -7.76 1.62
CA GLY B 23 -11.33 -8.45 0.74
C GLY B 23 -12.76 -8.03 0.99
N ALA B 24 -12.99 -7.20 2.02
CA ALA B 24 -14.34 -6.75 2.34
C ALA B 24 -14.74 -5.61 1.42
N SER B 25 -16.06 -5.42 1.25
CA SER B 25 -16.65 -4.40 0.38
C SER B 25 -16.46 -2.99 0.89
N ASN B 26 -16.44 -2.01 -0.04
CA ASN B 26 -16.38 -0.57 0.24
C ASN B 26 -15.07 -0.17 0.94
N ARG B 27 -13.96 -0.70 0.39
CA ARG B 27 -12.63 -0.43 0.89
C ARG B 27 -11.76 -0.11 -0.31
N ALA B 28 -10.73 0.74 -0.11
CA ALA B 28 -9.82 1.12 -1.19
C ALA B 28 -9.11 -0.12 -1.75
N PHE B 29 -8.87 -0.11 -3.08
CA PHE B 29 -8.12 -1.18 -3.73
C PHE B 29 -6.72 -1.18 -3.14
N VAL B 30 -6.04 -2.33 -3.22
CA VAL B 30 -4.64 -2.36 -2.84
C VAL B 30 -3.87 -1.89 -4.10
N ARG B 31 -2.67 -1.30 -3.91
CA ARG B 31 -1.83 -0.91 -5.04
C ARG B 31 -0.61 -1.80 -5.07
N TRP B 32 -0.33 -2.40 -6.23
CA TRP B 32 0.85 -3.23 -6.40
C TRP B 32 2.04 -2.35 -6.79
N LEU B 33 1.77 -1.15 -7.31
CA LEU B 33 2.76 -0.13 -7.69
C LEU B 33 2.26 1.24 -7.30
N PRO B 34 3.14 2.20 -6.90
CA PRO B 34 2.66 3.56 -6.58
C PRO B 34 1.94 4.21 -7.78
N ALA B 35 0.93 5.04 -7.48
CA ALA B 35 0.13 5.73 -8.50
C ALA B 35 0.94 6.81 -9.23
N GLU B 36 0.60 7.01 -10.53
CA GLU B 36 1.22 8.00 -11.39
C GLU B 36 0.17 8.95 -11.87
N TYR B 37 0.19 10.14 -11.28
CA TYR B 37 -0.72 11.22 -11.58
C TYR B 37 0.12 12.41 -12.03
N GLU B 38 -0.48 13.24 -12.88
CA GLU B 38 0.11 14.46 -13.46
C GLU B 38 0.70 15.43 -12.40
N ASP B 39 0.07 15.51 -11.23
CA ASP B 39 0.46 16.34 -10.10
C ASP B 39 1.08 15.50 -8.96
N GLY B 40 1.14 14.18 -9.17
CA GLY B 40 1.68 13.26 -8.19
C GLY B 40 0.67 12.66 -7.22
N PHE B 41 -0.53 13.28 -7.07
CA PHE B 41 -1.49 12.77 -6.08
C PHE B 41 -2.97 12.69 -6.52
N SER B 42 -3.42 13.41 -7.60
CA SER B 42 -4.85 13.39 -7.93
C SER B 42 -5.22 13.55 -9.39
N LEU B 43 -4.60 14.50 -10.13
CA LEU B 43 -4.94 14.79 -11.52
C LEU B 43 -4.42 13.73 -12.47
N PRO B 44 -5.29 13.22 -13.36
CA PRO B 44 -4.86 12.15 -14.28
C PRO B 44 -4.05 12.68 -15.45
N TYR B 45 -3.20 11.82 -16.04
CA TYR B 45 -2.47 12.20 -17.24
C TYR B 45 -3.46 12.52 -18.35
N GLY B 46 -3.29 13.70 -18.94
CA GLY B 46 -4.20 14.20 -19.98
C GLY B 46 -5.13 15.29 -19.47
N TRP B 47 -5.07 15.59 -18.17
CA TRP B 47 -5.91 16.64 -17.59
C TRP B 47 -5.48 18.05 -18.00
N THR B 48 -4.16 18.33 -17.94
CA THR B 48 -3.69 19.66 -18.24
C THR B 48 -3.13 19.71 -19.65
N PRO B 49 -3.66 20.61 -20.52
CA PRO B 49 -3.12 20.71 -21.88
C PRO B 49 -1.63 21.06 -21.88
N GLY B 50 -0.85 20.36 -22.70
CA GLY B 50 0.59 20.59 -22.83
C GLY B 50 1.44 19.92 -21.77
N VAL B 51 0.83 19.34 -20.72
CA VAL B 51 1.60 18.64 -19.69
C VAL B 51 1.91 17.22 -20.19
N LYS B 52 3.21 16.92 -20.33
CA LYS B 52 3.74 15.66 -20.83
C LYS B 52 3.86 14.56 -19.78
N ARG B 53 3.83 13.30 -20.25
CA ARG B 53 4.01 12.15 -19.38
C ARG B 53 5.35 11.53 -19.78
N ASN B 54 6.31 11.51 -18.82
CA ASN B 54 7.64 10.92 -19.01
C ASN B 54 8.34 11.40 -20.30
N GLY B 55 8.27 12.72 -20.53
CA GLY B 55 8.90 13.37 -21.67
C GLY B 55 8.13 13.36 -22.98
N PHE B 56 6.91 12.79 -22.99
CA PHE B 56 6.12 12.68 -24.21
C PHE B 56 4.68 13.17 -24.08
N PRO B 57 4.07 13.70 -25.18
CA PRO B 57 2.66 14.13 -25.08
C PRO B 57 1.74 12.95 -24.77
N VAL B 58 0.69 13.20 -24.01
CA VAL B 58 -0.30 12.20 -23.65
C VAL B 58 -1.20 12.01 -24.88
N ALA B 59 -1.28 10.77 -25.35
CA ALA B 59 -2.12 10.40 -26.47
C ALA B 59 -3.59 10.35 -26.00
N LEU B 60 -4.52 10.82 -26.84
CA LEU B 60 -5.95 10.78 -26.56
C LEU B 60 -6.37 9.33 -26.62
N ALA B 61 -7.12 8.83 -25.60
CA ALA B 61 -7.57 7.43 -25.54
C ALA B 61 -8.42 7.10 -26.78
N ARG B 62 -9.23 8.08 -27.25
CA ARG B 62 -10.07 7.93 -28.45
C ARG B 62 -9.22 7.79 -29.72
N ALA B 63 -8.13 8.61 -29.86
CA ALA B 63 -7.18 8.49 -30.99
C ALA B 63 -6.46 7.13 -30.96
N VAL B 64 -6.05 6.66 -29.74
CA VAL B 64 -5.38 5.36 -29.59
C VAL B 64 -6.32 4.26 -30.09
N SER B 65 -7.59 4.36 -29.70
CA SER B 65 -8.65 3.43 -30.10
C SER B 65 -8.89 3.44 -31.62
N ASN B 66 -8.88 4.64 -32.25
CA ASN B 66 -9.10 4.79 -33.70
C ASN B 66 -7.96 4.21 -34.50
N GLU B 67 -6.72 4.44 -34.05
CA GLU B 67 -5.52 4.04 -34.76
C GLU B 67 -5.05 2.62 -34.50
N ILE B 68 -5.37 2.05 -33.32
CA ILE B 68 -4.87 0.72 -32.98
C ILE B 68 -5.98 -0.32 -32.80
N VAL B 69 -7.09 0.05 -32.14
CA VAL B 69 -8.17 -0.88 -31.81
C VAL B 69 -9.15 -1.10 -32.98
N ARG B 70 -9.56 -0.02 -33.68
CA ARG B 70 -10.49 -0.06 -34.83
C ARG B 70 -10.05 -1.08 -35.89
N PHE B 71 -10.99 -1.90 -36.39
CA PHE B 71 -10.77 -2.92 -37.43
C PHE B 71 -12.08 -3.23 -38.18
N PRO B 72 -12.05 -3.73 -39.45
CA PRO B 72 -13.31 -4.07 -40.14
C PRO B 72 -13.91 -5.34 -39.58
N THR B 73 -15.12 -5.24 -39.03
CA THR B 73 -15.83 -6.35 -38.37
C THR B 73 -15.96 -7.60 -39.28
N ASP B 74 -15.97 -7.44 -40.63
CA ASP B 74 -16.05 -8.57 -41.56
C ASP B 74 -14.79 -9.47 -41.49
N GLN B 75 -13.66 -8.94 -40.96
CA GLN B 75 -12.39 -9.67 -40.78
C GLN B 75 -12.35 -10.51 -39.49
N LEU B 76 -13.34 -10.34 -38.60
CA LEU B 76 -13.44 -11.02 -37.30
C LEU B 76 -13.13 -12.53 -37.42
N THR B 77 -12.20 -12.99 -36.57
CA THR B 77 -11.81 -14.37 -36.48
C THR B 77 -12.61 -15.02 -35.33
N PRO B 78 -13.51 -15.98 -35.63
CA PRO B 78 -14.20 -16.68 -34.52
C PRO B 78 -13.19 -17.62 -33.87
N ASP B 79 -13.24 -17.75 -32.55
CA ASP B 79 -12.31 -18.63 -31.84
C ASP B 79 -12.81 -20.05 -31.96
N GLN B 80 -12.05 -20.91 -32.65
CA GLN B 80 -12.40 -22.32 -32.86
C GLN B 80 -12.24 -23.14 -31.61
N GLU B 81 -11.46 -22.64 -30.63
CA GLU B 81 -11.18 -23.30 -29.36
C GLU B 81 -11.87 -22.66 -28.14
N ARG B 82 -12.72 -21.64 -28.33
CA ARG B 82 -13.44 -21.00 -27.22
C ARG B 82 -14.88 -20.73 -27.61
N SER B 83 -15.81 -20.84 -26.65
CA SER B 83 -17.22 -20.51 -26.85
C SER B 83 -17.49 -19.11 -26.32
N LEU B 84 -18.63 -18.51 -26.71
CA LEU B 84 -19.00 -17.20 -26.20
C LEU B 84 -19.22 -17.23 -24.67
N MET B 85 -19.53 -18.42 -24.13
CA MET B 85 -19.69 -18.68 -22.68
C MET B 85 -18.38 -18.34 -21.92
N PHE B 86 -17.19 -18.50 -22.59
CA PHE B 86 -15.87 -18.15 -22.07
C PHE B 86 -15.78 -16.66 -21.82
N MET B 87 -16.34 -15.82 -22.74
CA MET B 87 -16.41 -14.36 -22.57
C MET B 87 -17.37 -14.09 -21.40
N GLN B 88 -18.62 -14.62 -21.48
CA GLN B 88 -19.68 -14.38 -20.49
C GLN B 88 -19.32 -14.76 -19.05
N TRP B 89 -18.59 -15.89 -18.84
CA TRP B 89 -18.20 -16.27 -17.47
C TRP B 89 -17.25 -15.20 -16.91
N GLY B 90 -16.37 -14.69 -17.76
CA GLY B 90 -15.41 -13.66 -17.40
C GLY B 90 -16.08 -12.39 -16.92
N GLN B 91 -17.16 -11.95 -17.62
CA GLN B 91 -17.89 -10.74 -17.20
C GLN B 91 -18.64 -11.03 -15.91
N LEU B 92 -19.25 -12.22 -15.81
CA LEU B 92 -19.95 -12.64 -14.59
C LEU B 92 -18.99 -12.72 -13.38
N LEU B 93 -17.81 -13.34 -13.60
CA LEU B 93 -16.79 -13.48 -12.56
C LEU B 93 -16.22 -12.11 -12.15
N ASP B 94 -15.95 -11.21 -13.11
CA ASP B 94 -15.47 -9.86 -12.83
C ASP B 94 -16.46 -9.14 -11.91
N HIS B 95 -17.76 -9.47 -12.06
CA HIS B 95 -18.87 -8.86 -11.32
C HIS B 95 -19.03 -9.46 -9.91
N ASP B 96 -18.15 -10.42 -9.56
CA ASP B 96 -18.05 -11.01 -8.21
C ASP B 96 -16.86 -10.33 -7.55
N LEU B 97 -15.89 -9.86 -8.35
CA LEU B 97 -14.64 -9.30 -7.88
C LEU B 97 -14.62 -7.78 -7.66
N ASP B 98 -14.94 -6.99 -8.70
CA ASP B 98 -14.85 -5.55 -8.54
C ASP B 98 -15.91 -4.70 -9.22
N PHE B 99 -16.27 -3.62 -8.50
CA PHE B 99 -17.12 -2.54 -8.98
C PHE B 99 -16.53 -1.29 -8.41
N THR B 100 -16.12 -0.38 -9.29
CA THR B 100 -15.56 0.92 -8.94
C THR B 100 -16.65 1.98 -9.07
N PRO B 101 -17.21 2.45 -7.94
CA PRO B 101 -18.25 3.49 -8.00
C PRO B 101 -17.78 4.89 -8.47
N GLU B 102 -18.76 5.63 -9.00
CA GLU B 102 -18.65 6.99 -9.52
C GLU B 102 -19.80 7.80 -8.90
N PRO B 103 -19.74 9.15 -8.88
CA PRO B 103 -20.88 9.92 -8.35
C PRO B 103 -22.10 9.80 -9.26
N ASN C 2 -7.50 17.09 26.18
CA ASN C 2 -6.07 17.29 26.44
C ASN C 2 -5.48 16.03 27.08
N CYS C 3 -4.85 15.23 26.25
CA CYS C 3 -4.24 13.94 26.58
C CYS C 3 -3.13 14.03 27.62
N GLU C 4 -2.53 15.21 27.79
CA GLU C 4 -1.47 15.42 28.80
C GLU C 4 -2.08 15.65 30.19
N THR C 5 -3.34 16.13 30.28
CA THR C 5 -3.95 16.50 31.57
C THR C 5 -4.98 15.51 32.13
N SER C 6 -5.54 14.64 31.29
CA SER C 6 -6.57 13.69 31.71
C SER C 6 -6.27 12.25 31.30
N CYS C 7 -6.99 11.29 31.89
CA CYS C 7 -6.87 9.84 31.61
C CYS C 7 -8.10 9.27 30.88
N VAL C 8 -8.98 10.14 30.41
CA VAL C 8 -10.20 9.83 29.65
C VAL C 8 -9.80 9.31 28.27
N GLN C 9 -10.30 8.12 27.90
CA GLN C 9 -10.00 7.51 26.59
C GLN C 9 -11.02 7.98 25.56
N GLN C 10 -10.79 9.17 25.02
CA GLN C 10 -11.63 9.84 24.02
C GLN C 10 -10.72 10.50 22.99
N PRO C 11 -11.10 10.52 21.69
CA PRO C 11 -10.21 11.15 20.68
C PRO C 11 -9.67 12.54 21.05
N PRO C 12 -8.38 12.81 20.78
CA PRO C 12 -7.38 11.95 20.07
C PRO C 12 -6.51 11.18 21.06
N CYS C 13 -7.02 10.95 22.26
CA CYS C 13 -6.28 10.28 23.32
C CYS C 13 -6.41 8.76 23.30
N PHE C 14 -5.30 8.07 23.62
CA PHE C 14 -5.25 6.60 23.79
C PHE C 14 -4.32 6.35 25.01
N PRO C 15 -4.71 6.81 26.24
CA PRO C 15 -3.81 6.67 27.41
C PRO C 15 -3.38 5.26 27.73
N LEU C 16 -2.17 5.12 28.27
CA LEU C 16 -1.68 3.79 28.65
C LEU C 16 -2.25 3.47 30.02
N LYS C 17 -2.91 2.32 30.11
CA LYS C 17 -3.50 1.87 31.38
C LYS C 17 -2.39 1.39 32.32
N ILE C 18 -2.61 1.55 33.62
CA ILE C 18 -1.65 1.19 34.67
C ILE C 18 -1.94 -0.20 35.24
N PRO C 19 -0.96 -1.13 35.23
CA PRO C 19 -1.21 -2.46 35.81
C PRO C 19 -1.19 -2.45 37.34
N PRO C 20 -1.71 -3.49 38.06
CA PRO C 20 -1.59 -3.48 39.52
C PRO C 20 -0.11 -3.67 39.92
N ASN C 21 0.28 -3.24 41.14
CA ASN C 21 1.64 -3.37 41.68
C ASN C 21 2.72 -2.73 40.82
N ASP C 22 2.41 -1.62 40.17
CA ASP C 22 3.34 -0.88 39.32
C ASP C 22 4.43 -0.29 40.24
N PRO C 23 5.72 -0.38 39.88
CA PRO C 23 6.78 0.13 40.78
C PRO C 23 6.76 1.64 41.05
N ARG C 24 6.03 2.42 40.22
CA ARG C 24 5.97 3.88 40.34
C ARG C 24 4.55 4.47 40.48
N ILE C 25 3.63 4.09 39.58
CA ILE C 25 2.27 4.62 39.55
C ILE C 25 1.33 3.71 40.36
N LYS C 26 1.11 4.09 41.63
CA LYS C 26 0.33 3.33 42.60
C LYS C 26 -1.18 3.43 42.42
N ASN C 27 -1.65 4.41 41.63
CA ASN C 27 -3.06 4.60 41.36
C ASN C 27 -3.40 4.01 39.96
N GLN C 28 -4.14 2.89 39.94
CA GLN C 28 -4.56 2.22 38.70
C GLN C 28 -5.55 3.04 37.86
N ALA C 29 -6.08 4.14 38.42
CA ALA C 29 -6.97 5.08 37.72
C ALA C 29 -6.09 6.13 36.97
N ASP C 30 -4.80 6.25 37.32
CA ASP C 30 -3.88 7.14 36.62
C ASP C 30 -3.51 6.46 35.24
N CYS C 31 -2.64 7.09 34.46
CA CYS C 31 -2.27 6.65 33.13
C CYS C 31 -0.98 7.30 32.71
N ILE C 32 -0.42 6.82 31.60
CA ILE C 32 0.71 7.48 30.96
C ILE C 32 0.09 8.22 29.76
N PRO C 33 0.23 9.58 29.69
CA PRO C 33 -0.33 10.34 28.55
C PRO C 33 0.05 9.82 27.15
N PHE C 34 -0.93 9.90 26.22
CA PHE C 34 -0.74 9.44 24.85
C PHE C 34 -1.73 10.08 23.92
N PHE C 35 -1.22 10.71 22.84
CA PHE C 35 -2.01 11.28 21.76
C PHE C 35 -1.82 10.34 20.59
N ARG C 36 -2.92 9.91 19.95
CA ARG C 36 -2.88 9.08 18.77
C ARG C 36 -2.26 9.92 17.65
N SER C 37 -1.40 9.29 16.83
CA SER C 37 -0.84 9.94 15.66
C SER C 37 -1.98 10.39 14.75
N CSO C 38 -1.82 11.54 14.07
CA CSO C 38 -2.85 12.06 13.17
CB CSO C 38 -2.36 13.31 12.42
SG CSO C 38 -2.14 14.71 13.53
C CSO C 38 -3.14 11.09 12.00
O CSO C 38 -2.19 10.52 11.43
OD CSO C 38 -3.61 15.05 13.87
N PRO C 39 -4.42 10.86 11.63
CA PRO C 39 -4.71 10.00 10.48
C PRO C 39 -4.48 10.74 9.16
N ALA C 40 -4.17 9.98 8.07
CA ALA C 40 -3.96 10.52 6.72
C ALA C 40 -5.30 11.01 6.16
N CYS C 41 -6.40 10.30 6.53
CA CYS C 41 -7.76 10.63 6.11
C CYS C 41 -8.70 10.87 7.31
N PRO C 42 -8.65 12.06 7.95
CA PRO C 42 -9.49 12.30 9.15
C PRO C 42 -11.00 12.02 8.98
N GLY C 43 -11.54 11.25 9.92
CA GLY C 43 -12.95 10.89 9.99
C GLY C 43 -13.49 9.96 8.93
N SER C 44 -12.61 9.32 8.14
CA SER C 44 -13.03 8.40 7.09
C SER C 44 -13.61 7.06 7.62
N ASN C 45 -14.66 6.57 6.94
CA ASN C 45 -15.29 5.27 7.18
C ASN C 45 -14.91 4.29 6.04
N ILE C 46 -14.02 4.73 5.13
CA ILE C 46 -13.54 3.93 3.98
C ILE C 46 -12.10 3.44 4.17
N THR C 47 -11.21 4.34 4.55
CA THR C 47 -9.78 4.04 4.64
C THR C 47 -9.40 3.20 5.85
N ILE C 48 -8.35 2.40 5.69
CA ILE C 48 -7.73 1.65 6.78
C ILE C 48 -6.77 2.72 7.34
N ARG C 49 -6.93 3.08 8.63
CA ARG C 49 -6.15 4.16 9.24
C ARG C 49 -4.64 4.06 8.99
N ASN C 50 -4.06 5.17 8.58
CA ASN C 50 -2.64 5.28 8.31
C ASN C 50 -2.13 6.61 8.82
N GLN C 51 -0.84 6.65 9.11
CA GLN C 51 -0.25 7.82 9.71
C GLN C 51 0.57 8.58 8.66
N ILE C 52 0.96 9.81 8.98
CA ILE C 52 1.67 10.72 8.06
C ILE C 52 3.14 10.87 8.44
N ASN C 53 4.01 10.97 7.43
CA ASN C 53 5.40 11.33 7.67
C ASN C 53 5.49 12.83 7.31
N ALA C 54 5.77 13.69 8.31
CA ALA C 54 5.87 15.14 8.08
C ALA C 54 7.20 15.56 7.43
N LEU C 55 8.14 14.60 7.29
CA LEU C 55 9.48 14.88 6.79
C LEU C 55 9.76 14.21 5.47
N THR C 56 10.83 14.63 4.78
CA THR C 56 11.24 13.96 3.54
C THR C 56 11.91 12.65 3.98
N SER C 57 11.60 11.54 3.33
CA SER C 57 12.18 10.24 3.69
C SER C 57 13.68 10.19 3.40
N PHE C 58 14.13 10.95 2.40
CA PHE C 58 15.53 10.99 1.92
C PHE C 58 16.53 11.37 3.01
N VAL C 59 17.73 10.79 2.94
CA VAL C 59 18.81 11.18 3.83
C VAL C 59 19.35 12.45 3.09
N ASP C 60 18.74 13.60 3.39
CA ASP C 60 19.01 14.87 2.73
C ASP C 60 19.20 16.01 3.72
N ALA C 61 19.50 15.65 5.00
CA ALA C 61 19.72 16.65 6.05
C ALA C 61 18.50 17.57 6.25
N SER C 62 17.26 17.03 6.08
CA SER C 62 16.04 17.81 6.26
C SER C 62 15.83 18.25 7.71
N MET C 63 16.58 17.62 8.64
CA MET C 63 16.54 17.98 10.05
C MET C 63 17.29 19.30 10.29
N VAL C 64 18.13 19.72 9.33
CA VAL C 64 18.89 20.98 9.33
C VAL C 64 18.12 22.04 8.53
N TYR C 65 17.60 21.67 7.36
CA TYR C 65 17.00 22.59 6.38
C TYR C 65 15.50 22.75 6.39
N GLY C 66 14.78 21.77 6.95
CA GLY C 66 13.32 21.79 6.95
C GLY C 66 12.80 20.92 5.83
N SER C 67 11.53 20.49 5.96
CA SER C 67 10.84 19.65 4.97
C SER C 67 9.65 20.42 4.33
N GLU C 68 9.48 21.70 4.68
CA GLU C 68 8.43 22.58 4.15
C GLU C 68 9.09 23.90 3.73
N GLU C 69 8.58 24.54 2.65
CA GLU C 69 9.12 25.79 2.09
C GLU C 69 9.08 26.99 3.06
N PRO C 70 7.99 27.32 3.81
CA PRO C 70 8.06 28.48 4.73
C PRO C 70 9.11 28.34 5.84
N LEU C 71 9.18 27.17 6.52
CA LEU C 71 10.20 26.94 7.54
C LEU C 71 11.63 27.05 6.93
N ALA C 72 11.89 26.42 5.76
CA ALA C 72 13.19 26.45 5.11
C ALA C 72 13.66 27.88 4.85
N ARG C 73 12.73 28.77 4.42
CA ARG C 73 12.97 30.21 4.23
C ARG C 73 13.37 30.87 5.56
N ASN C 74 12.56 30.68 6.62
CA ASN C 74 12.75 31.24 7.97
C ASN C 74 14.03 30.76 8.67
N LEU C 75 14.58 29.60 8.25
CA LEU C 75 15.83 29.11 8.81
C LEU C 75 17.05 29.79 8.16
N ARG C 76 16.83 30.45 7.02
CA ARG C 76 17.89 31.10 6.27
C ARG C 76 18.13 32.53 6.72
N ASN C 77 19.35 33.02 6.54
CA ASN C 77 19.73 34.39 6.83
C ASN C 77 19.47 35.15 5.53
N MET C 78 18.38 35.92 5.50
CA MET C 78 17.96 36.67 4.33
C MET C 78 18.50 38.12 4.30
N SER C 79 19.24 38.54 5.34
CA SER C 79 19.84 39.89 5.48
C SER C 79 20.97 40.20 4.46
N ASN C 80 21.50 39.16 3.79
CA ASN C 80 22.60 39.25 2.85
C ASN C 80 22.51 38.16 1.75
N GLN C 81 23.50 38.11 0.84
CA GLN C 81 23.59 37.14 -0.27
C GLN C 81 24.70 36.09 0.01
N LEU C 82 24.93 35.74 1.29
CA LEU C 82 25.99 34.81 1.67
C LEU C 82 25.56 33.33 1.72
N GLY C 83 24.26 33.08 1.57
CA GLY C 83 23.68 31.74 1.55
C GLY C 83 23.75 31.01 2.87
N LEU C 84 23.72 31.76 3.97
CA LEU C 84 23.84 31.25 5.33
C LEU C 84 22.52 30.89 5.96
N LEU C 85 22.59 30.02 6.95
CA LEU C 85 21.46 29.66 7.81
C LEU C 85 21.50 30.66 8.95
N ALA C 86 20.35 31.18 9.34
CA ALA C 86 20.20 32.13 10.46
C ALA C 86 20.78 31.54 11.76
N VAL C 87 21.48 32.38 12.53
CA VAL C 87 22.10 31.97 13.80
C VAL C 87 21.43 32.73 14.96
N ASN C 88 21.67 32.29 16.21
CA ASN C 88 21.10 32.92 17.43
C ASN C 88 21.58 34.37 17.53
N GLN C 89 20.63 35.33 17.70
CA GLN C 89 20.93 36.76 17.78
C GLN C 89 21.18 37.27 19.20
N ARG C 90 21.01 36.39 20.21
CA ARG C 90 21.22 36.74 21.61
C ARG C 90 22.49 36.13 22.20
N PHE C 91 22.83 34.88 21.81
CA PHE C 91 23.95 34.15 22.39
C PHE C 91 24.86 33.48 21.39
N GLN C 92 26.09 33.21 21.83
CA GLN C 92 27.15 32.55 21.08
C GLN C 92 27.92 31.68 22.04
N ASP C 93 28.45 30.58 21.52
CA ASP C 93 29.20 29.59 22.25
C ASP C 93 30.68 29.83 21.97
N ASN C 94 31.33 30.61 22.85
CA ASN C 94 32.73 31.01 22.78
C ASN C 94 33.07 31.55 21.39
N GLY C 95 32.25 32.51 20.96
CA GLY C 95 32.39 33.18 19.67
C GLY C 95 31.82 32.44 18.49
N ARG C 96 31.31 31.21 18.71
CA ARG C 96 30.71 30.37 17.68
C ARG C 96 29.19 30.37 17.74
N ALA C 97 28.53 30.15 16.60
CA ALA C 97 27.08 30.20 16.44
C ALA C 97 26.25 29.13 17.19
N LEU C 98 25.08 29.55 17.68
CA LEU C 98 24.09 28.64 18.26
C LEU C 98 22.84 28.76 17.37
N LEU C 99 21.96 27.75 17.42
CA LEU C 99 20.72 27.76 16.63
C LEU C 99 19.84 28.97 17.03
N PRO C 100 19.00 29.52 16.13
CA PRO C 100 18.07 30.57 16.58
C PRO C 100 17.06 30.00 17.58
N PHE C 101 16.40 30.88 18.38
CA PHE C 101 15.35 30.42 19.27
C PHE C 101 14.06 30.27 18.49
N ASP C 102 13.20 29.34 18.91
CA ASP C 102 11.90 29.17 18.27
C ASP C 102 10.91 30.06 19.07
N ASN C 103 9.70 30.25 18.53
CA ASN C 103 8.63 31.00 19.16
C ASN C 103 7.39 30.09 19.35
N LEU C 104 7.40 29.25 20.39
CA LEU C 104 6.31 28.30 20.70
C LEU C 104 5.35 28.89 21.77
N HIS C 105 4.01 28.81 21.59
CA HIS C 105 3.11 29.36 22.63
C HIS C 105 3.30 28.64 23.97
N ASP C 106 3.48 27.31 23.93
CA ASP C 106 3.74 26.54 25.15
C ASP C 106 5.11 25.86 25.05
N ASP C 107 6.16 26.68 25.24
CA ASP C 107 7.57 26.30 25.18
C ASP C 107 7.96 25.35 26.32
N PRO C 108 8.27 24.05 26.02
CA PRO C 108 8.64 23.11 27.09
C PRO C 108 10.03 23.32 27.69
N CYS C 109 10.93 23.96 26.92
CA CYS C 109 12.30 24.27 27.35
C CYS C 109 12.31 25.26 28.48
N LEU C 110 11.38 26.23 28.44
CA LEU C 110 11.19 27.26 29.48
C LEU C 110 10.86 26.68 30.84
N LEU C 111 10.26 25.47 30.87
CA LEU C 111 9.86 24.75 32.08
C LEU C 111 11.00 23.95 32.76
N THR C 112 12.05 23.57 32.00
CA THR C 112 13.20 22.80 32.51
C THR C 112 14.04 23.56 33.55
N ASN C 113 14.01 24.91 33.48
CA ASN C 113 14.63 25.87 34.39
C ASN C 113 13.91 27.19 34.15
N ARG C 114 12.90 27.44 35.00
CA ARG C 114 12.03 28.62 35.02
C ARG C 114 12.81 29.95 35.08
N SER C 115 13.76 30.07 36.03
CA SER C 115 14.60 31.25 36.20
C SER C 115 15.49 31.57 35.00
N ALA C 116 16.07 30.51 34.36
CA ALA C 116 16.96 30.67 33.20
C ALA C 116 16.32 31.36 32.00
N ARG C 117 15.00 31.11 31.75
CA ARG C 117 14.23 31.70 30.65
C ARG C 117 14.87 31.46 29.25
N ILE C 118 15.32 30.20 28.99
CA ILE C 118 15.90 29.84 27.70
C ILE C 118 14.91 29.00 26.90
N PRO C 119 14.34 29.55 25.79
CA PRO C 119 13.37 28.77 25.01
C PRO C 119 14.05 27.70 24.14
N CYS C 120 13.23 26.90 23.45
CA CYS C 120 13.69 25.86 22.54
C CYS C 120 14.29 26.49 21.33
N PHE C 121 15.15 25.72 20.65
CA PHE C 121 15.84 26.14 19.44
C PHE C 121 14.96 25.88 18.23
N LEU C 122 15.23 26.59 17.14
CA LEU C 122 14.52 26.47 15.87
C LEU C 122 15.48 25.83 14.90
N ALA C 123 15.08 24.69 14.34
CA ALA C 123 15.87 23.90 13.39
C ALA C 123 14.93 23.32 12.31
N GLY C 124 15.47 22.51 11.38
CA GLY C 124 14.69 21.89 10.31
C GLY C 124 13.67 20.88 10.82
N ASP C 125 13.98 20.28 11.94
CA ASP C 125 13.11 19.35 12.64
C ASP C 125 12.77 19.95 14.01
N THR C 126 11.50 19.79 14.46
CA THR C 126 10.94 20.34 15.70
C THR C 126 11.50 19.74 17.01
N ARG C 127 12.18 18.59 16.94
CA ARG C 127 12.68 17.93 18.14
C ARG C 127 14.12 18.30 18.52
N SER C 128 14.71 19.33 17.87
CA SER C 128 16.13 19.71 18.05
C SER C 128 16.58 19.87 19.49
N SER C 129 15.72 20.42 20.37
CA SER C 129 16.03 20.66 21.79
C SER C 129 15.72 19.48 22.74
N GLU C 130 15.15 18.36 22.23
CA GLU C 130 14.72 17.20 23.06
C GLU C 130 15.79 16.74 24.11
N MET C 131 17.09 16.80 23.74
CA MET C 131 18.24 16.48 24.61
C MET C 131 19.46 17.31 24.12
N PRO C 132 20.31 17.89 25.02
CA PRO C 132 21.41 18.75 24.56
C PRO C 132 22.46 18.10 23.66
N GLU C 133 22.53 16.76 23.67
CA GLU C 133 23.44 15.94 22.86
C GLU C 133 22.96 16.01 21.40
N LEU C 134 21.62 16.01 21.21
CA LEU C 134 20.94 16.15 19.92
C LEU C 134 21.10 17.56 19.40
N THR C 135 20.91 18.56 20.29
CA THR C 135 21.04 19.97 19.96
C THR C 135 22.45 20.29 19.47
N SER C 136 23.45 19.66 20.12
CA SER C 136 24.87 19.83 19.81
C SER C 136 25.17 19.39 18.39
N MET C 137 24.60 18.24 17.99
CA MET C 137 24.68 17.65 16.64
C MET C 137 24.03 18.55 15.62
N HIS C 138 22.86 19.14 15.99
CA HIS C 138 22.13 20.08 15.15
C HIS C 138 22.92 21.38 14.95
N THR C 139 23.59 21.83 16.02
CA THR C 139 24.36 23.09 16.05
C THR C 139 25.60 22.93 15.19
N LEU C 140 26.27 21.77 15.31
CA LEU C 140 27.44 21.38 14.56
C LEU C 140 27.15 21.41 13.06
N LEU C 141 26.01 20.83 12.64
CA LEU C 141 25.65 20.84 11.22
C LEU C 141 25.32 22.25 10.70
N LEU C 142 24.76 23.14 11.56
CA LEU C 142 24.44 24.55 11.24
C LEU C 142 25.71 25.31 10.89
N ARG C 143 26.76 25.15 11.72
CA ARG C 143 28.04 25.82 11.57
C ARG C 143 28.75 25.30 10.34
N GLU C 144 28.60 23.99 10.06
CA GLU C 144 29.21 23.36 8.87
C GLU C 144 28.61 23.92 7.59
N HIS C 145 27.28 24.15 7.55
CA HIS C 145 26.62 24.74 6.39
C HIS C 145 27.21 26.14 6.13
N ASN C 146 27.25 26.98 7.18
CA ASN C 146 27.78 28.34 7.14
C ASN C 146 29.27 28.37 6.78
N ARG C 147 30.05 27.36 7.24
CA ARG C 147 31.49 27.24 6.93
C ARG C 147 31.67 26.87 5.46
N LEU C 148 30.84 25.96 4.96
CA LEU C 148 30.90 25.56 3.54
C LEU C 148 30.49 26.72 2.64
N ALA C 149 29.42 27.46 3.01
CA ALA C 149 28.94 28.63 2.28
C ALA C 149 30.01 29.73 2.18
N THR C 150 30.81 29.93 3.26
CA THR C 150 31.89 30.94 3.38
C THR C 150 33.05 30.61 2.44
N GLU C 151 33.50 29.33 2.44
CA GLU C 151 34.59 28.86 1.57
C GLU C 151 34.14 28.84 0.11
N LEU C 152 32.86 28.47 -0.13
CA LEU C 152 32.30 28.46 -1.50
C LEU C 152 32.23 29.88 -2.08
N LYS C 153 31.98 30.87 -1.20
CA LYS C 153 31.91 32.29 -1.56
C LYS C 153 33.28 32.79 -2.04
N SER C 154 34.35 32.44 -1.32
CA SER C 154 35.74 32.81 -1.67
C SER C 154 36.11 32.26 -3.06
N LEU C 155 35.75 30.99 -3.30
CA LEU C 155 36.01 30.19 -4.50
C LEU C 155 35.18 30.69 -5.68
N ASN C 156 33.90 31.04 -5.42
CA ASN C 156 33.00 31.55 -6.46
C ASN C 156 32.38 32.89 -6.06
N PRO C 157 33.13 34.03 -6.17
CA PRO C 157 32.58 35.33 -5.75
C PRO C 157 31.28 35.77 -6.45
N ARG C 158 31.02 35.27 -7.67
CA ARG C 158 29.81 35.64 -8.42
C ARG C 158 28.57 34.80 -8.02
N TRP C 159 28.74 33.78 -7.16
CA TRP C 159 27.60 32.98 -6.69
C TRP C 159 26.75 33.81 -5.77
N ASP C 160 25.43 33.88 -6.05
CA ASP C 160 24.51 34.62 -5.18
C ASP C 160 24.15 33.77 -3.95
N GLY C 161 23.31 34.31 -3.08
CA GLY C 161 22.85 33.64 -1.87
C GLY C 161 22.22 32.29 -2.10
N GLU C 162 21.30 32.22 -3.08
CA GLU C 162 20.56 31.02 -3.43
C GLU C 162 21.50 29.89 -3.87
N ARG C 163 22.48 30.21 -4.74
CA ARG C 163 23.46 29.27 -5.25
C ARG C 163 24.36 28.74 -4.13
N LEU C 164 24.86 29.65 -3.25
CA LEU C 164 25.73 29.32 -2.12
C LEU C 164 25.01 28.40 -1.09
N TYR C 165 23.75 28.72 -0.74
CA TYR C 165 22.93 27.95 0.19
C TYR C 165 22.72 26.52 -0.32
N GLN C 166 22.28 26.37 -1.60
CA GLN C 166 22.01 25.11 -2.27
C GLN C 166 23.23 24.21 -2.39
N GLU C 167 24.39 24.80 -2.74
CA GLU C 167 25.67 24.08 -2.88
C GLU C 167 26.22 23.58 -1.54
N ALA C 168 26.12 24.40 -0.49
CA ALA C 168 26.53 24.03 0.88
C ALA C 168 25.54 22.96 1.41
N ARG C 169 24.21 23.13 1.12
CA ARG C 169 23.11 22.21 1.49
C ARG C 169 23.34 20.82 0.83
N LYS C 170 23.79 20.83 -0.42
CA LYS C 170 24.10 19.66 -1.22
C LYS C 170 25.27 18.92 -0.58
N ILE C 171 26.29 19.68 -0.11
CA ILE C 171 27.45 19.10 0.59
C ILE C 171 27.04 18.43 1.92
N VAL C 172 26.29 19.16 2.80
CA VAL C 172 25.85 18.70 4.12
C VAL C 172 25.06 17.37 4.01
N GLY C 173 24.12 17.29 3.06
CA GLY C 173 23.33 16.09 2.79
C GLY C 173 24.17 14.89 2.40
N ALA C 174 25.20 15.09 1.54
CA ALA C 174 26.12 14.02 1.12
C ALA C 174 26.97 13.56 2.31
N MET C 175 27.34 14.50 3.19
CA MET C 175 28.11 14.23 4.41
C MET C 175 27.28 13.41 5.38
N VAL C 176 25.96 13.63 5.41
CA VAL C 176 25.09 12.85 6.29
C VAL C 176 24.97 11.45 5.71
N GLN C 177 24.81 11.35 4.37
CA GLN C 177 24.72 10.08 3.62
C GLN C 177 25.97 9.21 3.78
N ILE C 178 27.17 9.83 3.65
CA ILE C 178 28.46 9.11 3.80
C ILE C 178 28.61 8.55 5.22
N ILE C 179 28.53 9.42 6.24
CA ILE C 179 28.64 9.00 7.66
C ILE C 179 27.65 7.86 7.98
N THR C 180 26.40 7.98 7.51
CA THR C 180 25.35 6.98 7.75
C THR C 180 25.69 5.61 7.16
N TYR C 181 25.96 5.57 5.85
CA TYR C 181 26.18 4.32 5.12
C TYR C 181 27.60 3.76 5.26
N ARG C 182 28.63 4.62 5.30
CA ARG C 182 30.01 4.20 5.45
C ARG C 182 30.36 3.79 6.89
N ASP C 183 30.00 4.62 7.88
CA ASP C 183 30.39 4.44 9.27
C ASP C 183 29.31 3.95 10.23
N TYR C 184 28.10 4.50 10.14
CA TYR C 184 27.03 4.17 11.09
C TYR C 184 26.41 2.79 10.88
N LEU C 185 25.76 2.57 9.71
CA LEU C 185 25.02 1.37 9.35
C LEU C 185 25.81 0.06 9.44
N PRO C 186 27.11 -0.05 9.02
CA PRO C 186 27.81 -1.35 9.17
C PRO C 186 27.89 -1.82 10.63
N LEU C 187 28.01 -0.85 11.58
CA LEU C 187 28.08 -1.05 13.03
C LEU C 187 26.68 -1.30 13.64
N VAL C 188 25.61 -1.04 12.90
CA VAL C 188 24.24 -1.32 13.35
C VAL C 188 23.90 -2.75 12.92
N LEU C 189 24.05 -3.04 11.62
CA LEU C 189 23.67 -4.31 11.02
C LEU C 189 24.62 -5.47 11.25
N GLY C 190 25.92 -5.21 11.23
CA GLY C 190 26.94 -6.24 11.27
C GLY C 190 27.30 -6.60 9.84
N PRO C 191 28.49 -7.21 9.58
CA PRO C 191 28.90 -7.45 8.17
C PRO C 191 27.96 -8.33 7.32
N THR C 192 27.41 -9.41 7.92
CA THR C 192 26.51 -10.36 7.25
C THR C 192 25.25 -9.67 6.74
N ALA C 193 24.50 -8.97 7.62
CA ALA C 193 23.28 -8.24 7.27
C ALA C 193 23.59 -7.04 6.36
N MET C 194 24.78 -6.41 6.53
CA MET C 194 25.21 -5.28 5.66
C MET C 194 25.30 -5.78 4.21
N ARG C 195 25.92 -6.96 3.99
CA ARG C 195 26.11 -7.55 2.65
C ARG C 195 24.76 -7.99 2.03
N LYS C 196 23.88 -8.57 2.85
CA LYS C 196 22.56 -9.06 2.44
C LYS C 196 21.60 -7.92 2.08
N TYR C 197 21.38 -6.98 3.02
CA TYR C 197 20.38 -5.93 2.84
C TYR C 197 20.93 -4.67 2.18
N LEU C 198 22.24 -4.42 2.25
CA LEU C 198 22.85 -3.26 1.57
C LEU C 198 24.01 -3.64 0.65
N PRO C 199 23.75 -4.32 -0.51
CA PRO C 199 24.86 -4.67 -1.41
C PRO C 199 25.39 -3.41 -2.10
N THR C 200 26.60 -3.49 -2.65
CA THR C 200 27.27 -2.35 -3.31
C THR C 200 26.32 -1.56 -4.21
N TYR C 201 26.35 -0.24 -4.06
CA TYR C 201 25.52 0.66 -4.84
C TYR C 201 25.88 0.53 -6.31
N ARG C 202 24.86 0.27 -7.16
CA ARG C 202 25.07 0.14 -8.59
C ARG C 202 24.62 1.43 -9.25
N SER C 203 23.31 1.77 -9.14
CA SER C 203 22.76 2.98 -9.76
C SER C 203 21.40 3.33 -9.19
N TYR C 204 20.92 4.52 -9.54
CA TYR C 204 19.60 4.98 -9.16
C TYR C 204 18.58 4.12 -9.91
N ASN C 205 17.54 3.68 -9.19
CA ASN C 205 16.47 2.91 -9.80
C ASN C 205 15.18 3.63 -9.39
N ASP C 206 14.48 4.24 -10.39
CA ASP C 206 13.24 5.02 -10.16
C ASP C 206 11.99 4.15 -9.81
N SER C 207 12.16 2.82 -9.76
CA SER C 207 11.10 1.85 -9.45
C SER C 207 11.20 1.40 -8.01
N VAL C 208 12.21 1.91 -7.28
CA VAL C 208 12.41 1.61 -5.87
C VAL C 208 11.62 2.71 -5.09
N ASP C 209 10.63 2.29 -4.31
CA ASP C 209 9.80 3.19 -3.50
C ASP C 209 10.66 3.69 -2.31
N PRO C 210 10.97 5.02 -2.23
CA PRO C 210 11.84 5.51 -1.16
C PRO C 210 11.13 5.95 0.13
N ARG C 211 9.81 5.76 0.21
CA ARG C 211 9.02 6.15 1.39
C ARG C 211 9.44 5.36 2.64
N ILE C 212 9.29 6.01 3.82
CA ILE C 212 9.53 5.37 5.10
C ILE C 212 8.32 4.44 5.32
N ALA C 213 8.59 3.18 5.66
CA ALA C 213 7.55 2.21 5.98
C ALA C 213 7.07 2.54 7.39
N ASN C 214 5.76 2.36 7.62
CA ASN C 214 5.16 2.62 8.92
C ASN C 214 5.91 1.88 10.06
N VAL C 215 6.22 0.58 9.87
CA VAL C 215 6.98 -0.26 10.82
C VAL C 215 8.38 0.31 11.15
N PHE C 216 9.05 0.98 10.19
CA PHE C 216 10.38 1.54 10.44
C PHE C 216 10.34 2.60 11.57
N THR C 217 9.27 3.39 11.64
CA THR C 217 9.09 4.44 12.66
C THR C 217 9.16 3.86 14.06
N ASN C 218 8.83 2.55 14.20
CA ASN C 218 8.87 1.83 15.46
C ASN C 218 10.14 1.00 15.58
N ALA C 219 10.52 0.24 14.51
CA ALA C 219 11.71 -0.61 14.52
C ALA C 219 13.01 0.16 14.76
N PHE C 220 13.13 1.40 14.19
CA PHE C 220 14.32 2.22 14.36
C PHE C 220 14.46 2.80 15.78
N ARG C 221 13.42 2.64 16.62
CA ARG C 221 13.43 3.03 18.04
C ARG C 221 14.28 2.04 18.85
N TYR C 222 14.97 1.08 18.18
CA TYR C 222 15.90 0.13 18.77
C TYR C 222 16.99 0.92 19.53
N GLY C 223 17.32 2.12 19.02
CA GLY C 223 18.32 3.04 19.56
C GLY C 223 18.03 3.48 20.98
N HIS C 224 16.76 3.37 21.45
CA HIS C 224 16.39 3.66 22.84
C HIS C 224 17.15 2.73 23.80
N THR C 225 17.55 1.54 23.31
CA THR C 225 18.33 0.58 24.12
C THR C 225 19.78 1.01 24.35
N LEU C 226 20.27 2.04 23.60
CA LEU C 226 21.66 2.53 23.60
C LEU C 226 21.89 3.70 24.54
N ILE C 227 20.80 4.23 25.07
CA ILE C 227 20.74 5.42 25.92
C ILE C 227 21.32 5.18 27.32
N GLN C 228 22.31 6.03 27.66
CA GLN C 228 22.98 6.08 28.96
C GLN C 228 22.07 6.92 29.91
N PRO C 229 22.02 6.68 31.24
CA PRO C 229 21.14 7.49 32.11
C PRO C 229 21.62 8.91 32.42
N PHE C 230 22.80 9.29 31.89
CA PHE C 230 23.37 10.61 32.14
C PHE C 230 23.80 11.28 30.85
N MET C 231 23.91 12.62 30.91
CA MET C 231 24.51 13.43 29.88
C MET C 231 25.89 13.72 30.46
N PHE C 232 26.94 13.28 29.76
CA PHE C 232 28.35 13.35 30.15
C PHE C 232 29.05 14.53 29.50
N ARG C 233 29.67 15.40 30.33
CA ARG C 233 30.39 16.57 29.82
C ARG C 233 31.86 16.55 30.24
N LEU C 234 32.75 16.71 29.26
CA LEU C 234 34.20 16.67 29.46
C LEU C 234 34.89 17.95 28.98
N ASP C 235 35.93 18.40 29.72
CA ASP C 235 36.72 19.61 29.42
C ASP C 235 37.79 19.36 28.35
N ASN C 236 38.70 20.35 28.08
CA ASN C 236 39.77 20.23 27.05
C ASN C 236 40.79 19.10 27.33
N ARG C 237 40.82 18.57 28.56
CA ARG C 237 41.72 17.49 28.95
C ARG C 237 40.98 16.15 28.91
N TYR C 238 39.69 16.17 28.48
CA TYR C 238 38.78 15.02 28.43
C TYR C 238 38.50 14.44 29.82
N GLN C 239 38.56 15.31 30.84
CA GLN C 239 38.32 14.96 32.21
C GLN C 239 36.91 15.46 32.61
N PRO C 240 36.23 14.79 33.58
CA PRO C 240 34.88 15.24 33.96
C PRO C 240 34.81 16.73 34.25
N MET C 241 33.91 17.46 33.56
CA MET C 241 33.76 18.91 33.71
C MET C 241 32.93 19.21 34.96
N GLU C 242 33.58 19.80 35.97
CA GLU C 242 32.96 20.14 37.26
C GLU C 242 32.16 21.45 37.22
N PRO C 243 31.11 21.63 38.08
CA PRO C 243 30.62 20.73 39.15
C PRO C 243 29.54 19.71 38.77
N ASN C 244 29.02 19.74 37.50
CA ASN C 244 27.98 18.79 37.04
C ASN C 244 28.48 17.92 35.85
N PRO C 245 29.47 17.01 36.03
CA PRO C 245 29.95 16.21 34.88
C PRO C 245 29.00 15.12 34.38
N ARG C 246 28.08 14.64 35.23
CA ARG C 246 27.09 13.59 34.92
C ARG C 246 25.71 14.07 35.37
N VAL C 247 24.95 14.62 34.41
CA VAL C 247 23.61 15.13 34.69
C VAL C 247 22.58 14.04 34.36
N PRO C 248 21.68 13.64 35.30
CA PRO C 248 20.68 12.62 34.94
C PRO C 248 19.87 13.07 33.71
N LEU C 249 19.56 12.13 32.80
CA LEU C 249 18.81 12.45 31.58
C LEU C 249 17.46 13.13 31.87
N SER C 250 16.76 12.72 32.97
CA SER C 250 15.49 13.34 33.38
C SER C 250 15.59 14.83 33.66
N ARG C 251 16.81 15.36 33.80
CA ARG C 251 17.02 16.79 34.00
C ARG C 251 17.67 17.47 32.75
N VAL C 252 17.75 16.75 31.59
CA VAL C 252 18.32 17.38 30.39
C VAL C 252 17.29 17.48 29.23
N PHE C 253 16.15 16.77 29.35
CA PHE C 253 15.12 16.78 28.32
C PHE C 253 14.60 18.19 28.13
N PHE C 254 14.71 18.72 26.90
CA PHE C 254 14.28 20.08 26.54
C PHE C 254 15.07 21.15 27.29
N ALA C 255 16.21 20.81 27.88
CA ALA C 255 17.03 21.72 28.66
C ALA C 255 18.01 22.54 27.78
N SER C 256 17.46 23.36 26.87
CA SER C 256 18.23 24.26 25.97
C SER C 256 19.11 25.21 26.76
N TRP C 257 18.70 25.55 28.00
CA TRP C 257 19.47 26.41 28.93
C TRP C 257 20.86 25.82 29.26
N ARG C 258 20.98 24.49 29.30
CA ARG C 258 22.26 23.82 29.55
C ARG C 258 23.28 24.10 28.42
N VAL C 259 22.82 24.25 27.18
CA VAL C 259 23.69 24.54 26.03
C VAL C 259 24.15 26.00 26.14
N VAL C 260 23.18 26.91 26.30
CA VAL C 260 23.36 28.35 26.42
C VAL C 260 24.19 28.75 27.64
N LEU C 261 23.75 28.36 28.84
CA LEU C 261 24.36 28.75 30.11
C LEU C 261 25.29 27.71 30.78
N GLU C 262 25.48 26.48 30.24
CA GLU C 262 26.37 25.52 30.92
C GLU C 262 27.61 25.03 30.12
N GLY C 263 28.18 25.89 29.27
CA GLY C 263 29.43 25.58 28.57
C GLY C 263 29.45 25.34 27.08
N GLY C 264 28.29 25.40 26.43
CA GLY C 264 28.18 25.18 24.99
C GLY C 264 28.16 23.73 24.55
N ILE C 265 28.44 23.50 23.25
CA ILE C 265 28.38 22.16 22.66
C ILE C 265 29.71 21.38 22.79
N ASP C 266 30.83 22.05 23.09
CA ASP C 266 32.13 21.33 23.20
C ASP C 266 32.16 20.29 24.34
N PRO C 267 31.70 20.56 25.58
CA PRO C 267 31.75 19.51 26.61
C PRO C 267 30.84 18.32 26.29
N ILE C 268 29.69 18.60 25.64
CA ILE C 268 28.68 17.64 25.23
C ILE C 268 29.21 16.72 24.11
N LEU C 269 29.90 17.29 23.11
CA LEU C 269 30.46 16.50 22.01
C LEU C 269 31.58 15.57 22.49
N ARG C 270 32.45 16.09 23.39
CA ARG C 270 33.54 15.33 24.02
C ARG C 270 32.98 14.14 24.82
N GLY C 271 31.91 14.39 25.56
CA GLY C 271 31.22 13.35 26.30
C GLY C 271 30.71 12.25 25.39
N LEU C 272 30.09 12.62 24.25
CA LEU C 272 29.56 11.66 23.24
C LEU C 272 30.64 10.73 22.66
N MET C 273 31.78 11.30 22.30
CA MET C 273 32.94 10.61 21.73
C MET C 273 33.70 9.74 22.73
N ALA C 274 33.87 10.22 23.99
CA ALA C 274 34.69 9.52 25.00
C ALA C 274 33.90 8.71 26.03
N THR C 275 32.57 8.59 25.88
CA THR C 275 31.78 7.77 26.80
C THR C 275 31.24 6.58 26.01
N PRO C 276 31.29 5.34 26.58
CA PRO C 276 30.72 4.21 25.85
C PRO C 276 29.20 4.32 25.77
N ALA C 277 28.59 3.70 24.74
CA ALA C 277 27.13 3.66 24.63
C ALA C 277 26.64 2.59 25.65
N LYS C 278 25.32 2.54 25.90
CA LYS C 278 24.79 1.47 26.74
C LYS C 278 24.65 0.24 25.82
N LEU C 279 25.10 -0.94 26.28
CA LEU C 279 24.94 -2.15 25.50
C LEU C 279 23.51 -2.67 25.73
N ASN C 280 22.86 -3.10 24.65
CA ASN C 280 21.55 -3.73 24.75
C ASN C 280 21.79 -5.18 25.16
N ARG C 281 21.23 -5.58 26.31
CA ARG C 281 21.32 -6.95 26.82
C ARG C 281 19.90 -7.39 27.11
N GLN C 282 19.64 -8.70 26.97
CA GLN C 282 18.31 -9.27 27.13
C GLN C 282 17.74 -9.09 28.51
N ASN C 283 18.61 -8.84 29.50
CA ASN C 283 18.22 -8.59 30.89
C ASN C 283 18.43 -7.09 31.26
N GLN C 284 18.85 -6.27 30.28
CA GLN C 284 19.13 -4.85 30.48
C GLN C 284 18.70 -4.08 29.22
N ILE C 285 17.39 -4.10 28.89
CA ILE C 285 16.86 -3.52 27.64
C ILE C 285 16.92 -1.97 27.65
N ALA C 286 16.20 -1.28 28.55
CA ALA C 286 16.25 0.18 28.61
C ALA C 286 16.22 0.73 30.05
N VAL C 287 16.97 1.84 30.28
CA VAL C 287 17.17 2.49 31.61
C VAL C 287 15.92 3.22 32.11
N ASP C 288 15.82 3.36 33.44
CA ASP C 288 14.71 4.03 34.09
C ASP C 288 14.67 5.55 33.83
N GLU C 289 15.76 6.17 33.31
CA GLU C 289 15.70 7.61 32.99
C GLU C 289 14.70 7.90 31.86
N ILE C 290 14.45 6.89 30.99
CA ILE C 290 13.49 6.96 29.89
C ILE C 290 12.25 6.10 30.18
N ARG C 291 12.40 5.05 31.00
CA ARG C 291 11.36 4.11 31.37
C ARG C 291 10.47 4.63 32.51
N GLU C 292 11.01 5.48 33.40
CA GLU C 292 10.25 5.99 34.55
C GLU C 292 10.15 7.49 34.58
N ARG C 293 11.21 8.18 34.10
CA ARG C 293 11.30 9.63 34.22
C ARG C 293 11.38 10.38 32.89
N LEU C 294 10.91 9.80 31.77
CA LEU C 294 10.95 10.54 30.51
C LEU C 294 10.12 11.82 30.56
N PHE C 295 10.73 12.96 30.23
CA PHE C 295 10.06 14.28 30.17
C PHE C 295 9.39 14.68 31.51
N GLU C 296 9.93 14.19 32.63
CA GLU C 296 9.46 14.42 34.01
C GLU C 296 9.29 15.92 34.33
N GLN C 297 10.19 16.77 33.85
CA GLN C 297 10.19 18.22 34.09
C GLN C 297 9.14 19.02 33.26
N VAL C 298 8.59 18.45 32.18
CA VAL C 298 7.68 19.17 31.28
C VAL C 298 6.29 18.51 31.15
N MET C 299 6.08 17.39 31.85
CA MET C 299 4.84 16.62 31.86
C MET C 299 4.35 16.51 33.28
N ARG C 300 3.05 16.19 33.48
CA ARG C 300 2.50 16.03 34.83
C ARG C 300 3.00 14.76 35.52
N ILE C 301 3.48 13.78 34.74
CA ILE C 301 4.02 12.50 35.20
C ILE C 301 5.14 12.07 34.22
N GLY C 302 6.18 11.41 34.73
CA GLY C 302 7.26 10.88 33.91
C GLY C 302 6.71 9.81 32.97
N LEU C 303 7.14 9.89 31.71
CA LEU C 303 6.69 8.97 30.69
C LEU C 303 7.54 7.72 30.71
N ASP C 304 7.06 6.70 30.02
CA ASP C 304 7.77 5.43 29.89
C ASP C 304 7.97 5.26 28.39
N LEU C 305 9.19 5.55 27.88
CA LEU C 305 9.51 5.48 26.45
C LEU C 305 9.32 4.03 25.86
N PRO C 306 9.90 2.94 26.42
CA PRO C 306 9.59 1.59 25.89
C PRO C 306 8.08 1.28 25.85
N ALA C 307 7.29 1.70 26.87
CA ALA C 307 5.84 1.50 26.89
C ALA C 307 5.15 2.33 25.80
N LEU C 308 5.60 3.59 25.58
CA LEU C 308 5.04 4.46 24.52
C LEU C 308 5.28 3.84 23.14
N ASN C 309 6.47 3.26 22.92
CA ASN C 309 6.85 2.58 21.67
C ASN C 309 5.86 1.46 21.34
N MET C 310 5.48 0.69 22.36
CA MET C 310 4.54 -0.44 22.26
C MET C 310 3.11 0.05 22.04
N GLN C 311 2.68 1.10 22.78
CA GLN C 311 1.37 1.70 22.55
C GLN C 311 1.28 2.32 21.12
N ARG C 312 2.40 2.92 20.62
CA ARG C 312 2.50 3.51 19.28
C ARG C 312 2.34 2.49 18.19
N SER C 313 2.99 1.33 18.33
CA SER C 313 2.84 0.27 17.32
C SER C 313 1.36 -0.15 17.21
N ARG C 314 0.58 -0.11 18.35
CA ARG C 314 -0.84 -0.43 18.38
C ARG C 314 -1.66 0.67 17.72
N ASP C 315 -1.39 1.92 18.11
CA ASP C 315 -1.94 3.14 17.51
C ASP C 315 -1.78 3.12 15.97
N HIS C 316 -0.60 2.67 15.48
CA HIS C 316 -0.28 2.58 14.07
C HIS C 316 -0.76 1.28 13.40
N GLY C 317 -1.49 0.43 14.16
CA GLY C 317 -2.01 -0.84 13.68
C GLY C 317 -0.92 -1.73 13.08
N LEU C 318 0.21 -1.82 13.77
CA LEU C 318 1.30 -2.62 13.26
C LEU C 318 1.11 -4.09 13.59
N PRO C 319 1.36 -4.99 12.61
CA PRO C 319 1.32 -6.42 12.90
C PRO C 319 2.34 -6.77 14.02
N GLY C 320 2.12 -7.91 14.66
CA GLY C 320 2.98 -8.38 15.74
C GLY C 320 4.23 -9.07 15.24
N TYR C 321 5.11 -9.49 16.17
CA TYR C 321 6.43 -10.08 15.95
C TYR C 321 6.52 -11.14 14.85
N ASN C 322 5.66 -12.19 14.89
CA ASN C 322 5.67 -13.28 13.90
C ASN C 322 5.32 -12.86 12.47
N ALA C 323 4.40 -11.86 12.34
CA ALA C 323 4.03 -11.40 11.01
C ALA C 323 5.25 -10.71 10.36
N TRP C 324 6.01 -9.92 11.15
CA TRP C 324 7.25 -9.29 10.70
C TRP C 324 8.36 -10.31 10.48
N ARG C 325 8.40 -11.41 11.29
CA ARG C 325 9.39 -12.48 11.09
C ARG C 325 9.20 -13.15 9.70
N ARG C 326 7.94 -13.54 9.37
CA ARG C 326 7.49 -14.12 8.09
C ARG C 326 7.82 -13.17 6.91
N PHE C 327 7.52 -11.87 7.09
CA PHE C 327 7.83 -10.83 6.08
C PHE C 327 9.31 -10.86 5.74
N CYS C 328 10.18 -11.04 6.74
CA CYS C 328 11.63 -11.11 6.60
C CYS C 328 12.17 -12.51 6.21
N GLY C 329 11.28 -13.48 5.98
CA GLY C 329 11.65 -14.86 5.66
C GLY C 329 12.37 -15.54 6.82
N LEU C 330 12.02 -15.12 8.06
CA LEU C 330 12.62 -15.63 9.29
C LEU C 330 11.64 -16.57 9.98
N PRO C 331 12.11 -17.67 10.60
CA PRO C 331 11.17 -18.60 11.26
C PRO C 331 10.28 -17.94 12.30
N GLN C 332 8.99 -18.33 12.34
CA GLN C 332 7.99 -17.79 13.25
C GLN C 332 7.72 -18.78 14.40
N PRO C 333 8.31 -18.54 15.60
CA PRO C 333 8.09 -19.47 16.72
C PRO C 333 6.66 -19.45 17.26
N GLU C 334 6.07 -20.64 17.50
CA GLU C 334 4.71 -20.78 18.01
C GLU C 334 4.70 -21.10 19.50
N THR C 335 5.66 -21.93 19.95
CA THR C 335 5.78 -22.37 21.36
C THR C 335 6.80 -21.56 22.16
N VAL C 336 6.80 -21.74 23.49
CA VAL C 336 7.77 -21.10 24.37
C VAL C 336 9.21 -21.69 24.12
N GLY C 337 9.32 -22.98 23.78
CA GLY C 337 10.58 -23.66 23.46
C GLY C 337 11.24 -23.17 22.18
N GLN C 338 10.38 -22.90 21.15
CA GLN C 338 10.73 -22.37 19.85
C GLN C 338 11.13 -20.89 20.00
N LEU C 339 10.38 -20.10 20.83
CA LEU C 339 10.70 -18.71 21.08
C LEU C 339 12.08 -18.67 21.75
N GLY C 340 12.29 -19.56 22.74
CA GLY C 340 13.54 -19.70 23.49
C GLY C 340 14.75 -19.94 22.62
N THR C 341 14.60 -20.79 21.59
CA THR C 341 15.63 -21.10 20.59
C THR C 341 15.95 -19.87 19.74
N VAL C 342 14.90 -19.13 19.33
CA VAL C 342 15.03 -17.94 18.48
C VAL C 342 15.79 -16.84 19.21
N LEU C 343 15.49 -16.66 20.49
CA LEU C 343 16.11 -15.65 21.34
C LEU C 343 17.37 -16.12 22.05
N ARG C 344 17.72 -17.44 21.97
CA ARG C 344 18.88 -18.05 22.65
C ARG C 344 18.82 -17.68 24.13
N ASN C 345 17.59 -17.65 24.66
CA ASN C 345 17.26 -17.24 26.00
C ASN C 345 15.85 -17.75 26.27
N LEU C 346 15.74 -18.86 27.01
CA LEU C 346 14.44 -19.44 27.36
C LEU C 346 13.73 -18.62 28.43
N LYS C 347 14.48 -18.11 29.44
CA LYS C 347 13.93 -17.31 30.55
C LYS C 347 13.18 -16.08 30.02
N LEU C 348 13.77 -15.35 29.05
CA LEU C 348 13.15 -14.19 28.38
C LEU C 348 11.92 -14.63 27.56
N ALA C 349 12.02 -15.76 26.84
CA ALA C 349 10.92 -16.33 26.05
C ALA C 349 9.70 -16.63 26.95
N ARG C 350 9.95 -17.17 28.16
CA ARG C 350 8.92 -17.49 29.16
C ARG C 350 8.18 -16.23 29.63
N LYS C 351 8.93 -15.14 29.89
CA LYS C 351 8.39 -13.84 30.32
C LYS C 351 7.54 -13.20 29.21
N LEU C 352 8.00 -13.28 27.94
CA LEU C 352 7.27 -12.76 26.78
C LEU C 352 5.96 -13.53 26.57
N MET C 353 6.00 -14.87 26.72
CA MET C 353 4.81 -15.71 26.61
C MET C 353 3.81 -15.40 27.72
N GLU C 354 4.29 -15.13 28.93
CA GLU C 354 3.49 -14.78 30.11
C GLU C 354 2.75 -13.45 29.88
N GLN C 355 3.45 -12.45 29.34
CA GLN C 355 2.88 -11.14 29.05
C GLN C 355 1.94 -11.18 27.84
N TYR C 356 2.39 -11.80 26.72
CA TYR C 356 1.64 -11.75 25.47
C TYR C 356 0.75 -12.96 25.12
N GLY C 357 0.97 -14.12 25.72
CA GLY C 357 0.19 -15.33 25.44
C GLY C 357 0.65 -16.09 24.21
N THR C 358 0.92 -15.34 23.11
CA THR C 358 1.39 -15.89 21.82
C THR C 358 2.50 -15.00 21.23
N PRO C 359 3.55 -15.59 20.58
CA PRO C 359 4.59 -14.74 19.95
C PRO C 359 4.05 -13.93 18.79
N ASN C 360 2.82 -14.24 18.32
CA ASN C 360 2.14 -13.53 17.24
C ASN C 360 1.81 -12.09 17.66
N ASN C 361 1.53 -11.88 18.96
CA ASN C 361 1.11 -10.63 19.60
C ASN C 361 2.23 -9.79 20.17
N ILE C 362 3.48 -10.29 20.20
CA ILE C 362 4.59 -9.50 20.75
C ILE C 362 4.70 -8.23 19.89
N ASP C 363 4.69 -7.04 20.54
CA ASP C 363 4.80 -5.79 19.82
C ASP C 363 6.16 -5.73 19.13
N ILE C 364 6.19 -5.24 17.91
CA ILE C 364 7.41 -5.20 17.06
C ILE C 364 8.66 -4.63 17.80
N TRP C 365 8.56 -3.50 18.52
CA TRP C 365 9.75 -2.96 19.20
C TRP C 365 10.23 -3.97 20.24
N MET C 366 9.30 -4.51 21.06
CA MET C 366 9.60 -5.45 22.13
C MET C 366 10.28 -6.74 21.61
N GLY C 367 9.72 -7.39 20.62
CA GLY C 367 10.34 -8.59 20.07
C GLY C 367 11.64 -8.33 19.34
N GLY C 368 11.69 -7.19 18.65
CA GLY C 368 12.87 -6.78 17.90
C GLY C 368 14.08 -6.56 18.80
N VAL C 369 13.91 -5.82 19.89
CA VAL C 369 15.02 -5.53 20.80
C VAL C 369 15.39 -6.72 21.70
N SER C 370 14.49 -7.72 21.83
CA SER C 370 14.70 -8.93 22.62
C SER C 370 15.65 -9.90 21.93
N GLU C 371 15.68 -9.89 20.60
CA GLU C 371 16.53 -10.78 19.81
C GLU C 371 18.01 -10.64 20.09
N PRO C 372 18.79 -11.75 20.17
CA PRO C 372 20.24 -11.64 20.38
C PRO C 372 20.90 -10.91 19.20
N LEU C 373 21.88 -10.07 19.48
CA LEU C 373 22.54 -9.22 18.49
C LEU C 373 23.41 -9.96 17.50
N LYS C 374 23.28 -9.59 16.19
CA LYS C 374 24.08 -10.12 15.09
C LYS C 374 25.54 -9.81 15.41
N ARG C 375 26.45 -10.70 15.01
CA ARG C 375 27.89 -10.59 15.24
C ARG C 375 28.40 -9.26 14.63
N LYS C 376 29.04 -8.40 15.47
CA LYS C 376 29.57 -7.08 15.14
C LYS C 376 28.45 -6.05 14.81
N GLY C 377 27.21 -6.39 15.16
CA GLY C 377 26.05 -5.53 14.99
C GLY C 377 25.39 -5.19 16.30
N ARG C 378 24.37 -4.29 16.27
CA ARG C 378 23.67 -3.89 17.50
C ARG C 378 22.15 -4.10 17.44
N VAL C 379 21.73 -4.97 16.49
CA VAL C 379 20.36 -5.47 16.27
C VAL C 379 20.40 -6.97 15.98
N GLY C 380 19.29 -7.67 16.23
CA GLY C 380 19.13 -9.08 15.90
C GLY C 380 18.67 -9.23 14.46
N PRO C 381 18.38 -10.48 13.98
CA PRO C 381 17.94 -10.68 12.58
C PRO C 381 16.73 -9.88 12.07
N LEU C 382 15.69 -9.73 12.92
CA LEU C 382 14.46 -9.07 12.52
C LEU C 382 14.62 -7.57 12.30
N LEU C 383 15.25 -6.86 13.25
CA LEU C 383 15.48 -5.43 13.12
C LEU C 383 16.48 -5.14 12.00
N ALA C 384 17.47 -6.04 11.77
CA ALA C 384 18.45 -5.91 10.69
C ALA C 384 17.75 -5.97 9.34
N CYS C 385 16.74 -6.86 9.20
CA CYS C 385 15.95 -6.95 7.96
C CYS C 385 15.11 -5.69 7.79
N ILE C 386 14.43 -5.21 8.86
CA ILE C 386 13.60 -4.00 8.72
C ILE C 386 14.47 -2.78 8.39
N ILE C 387 15.53 -2.56 9.17
CA ILE C 387 16.41 -1.41 9.03
C ILE C 387 17.20 -1.49 7.71
N GLY C 388 17.76 -2.66 7.41
CA GLY C 388 18.51 -2.87 6.18
C GLY C 388 17.67 -2.55 4.95
N THR C 389 16.45 -3.15 4.87
CA THR C 389 15.49 -2.94 3.77
C THR C 389 15.19 -1.46 3.58
N GLN C 390 14.90 -0.75 4.70
CA GLN C 390 14.58 0.67 4.62
C GLN C 390 15.71 1.48 4.06
N PHE C 391 16.92 1.34 4.63
CA PHE C 391 18.07 2.11 4.18
C PHE C 391 18.52 1.72 2.75
N ARG C 392 18.14 0.50 2.27
CA ARG C 392 18.44 0.14 0.86
C ARG C 392 17.53 0.93 -0.07
N LYS C 393 16.22 1.04 0.29
CA LYS C 393 15.22 1.79 -0.48
C LYS C 393 15.52 3.31 -0.52
N LEU C 394 16.02 3.88 0.58
CA LEU C 394 16.38 5.31 0.70
C LEU C 394 17.58 5.67 -0.14
N ARG C 395 18.48 4.71 -0.33
CA ARG C 395 19.69 4.88 -1.13
C ARG C 395 19.34 4.68 -2.60
N ASP C 396 18.84 3.49 -2.96
CA ASP C 396 18.54 3.10 -4.33
C ASP C 396 17.41 3.91 -4.98
N GLY C 397 16.46 4.38 -4.17
CA GLY C 397 15.34 5.18 -4.67
C GLY C 397 15.52 6.67 -4.54
N ASP C 398 16.77 7.10 -4.40
CA ASP C 398 17.09 8.50 -4.26
C ASP C 398 17.83 9.02 -5.48
N ARG C 399 17.18 9.85 -6.30
CA ARG C 399 17.76 10.47 -7.49
C ARG C 399 18.94 11.38 -7.14
N PHE C 400 18.97 11.92 -5.92
CA PHE C 400 20.02 12.83 -5.45
C PHE C 400 21.04 12.13 -4.53
N TRP C 401 21.10 10.77 -4.54
CA TRP C 401 22.09 9.99 -3.79
C TRP C 401 23.48 10.46 -4.29
N TRP C 402 24.43 10.73 -3.37
CA TRP C 402 25.73 11.36 -3.68
C TRP C 402 26.57 10.65 -4.75
N GLU C 403 26.35 9.32 -4.96
CA GLU C 403 27.07 8.53 -5.95
C GLU C 403 26.31 8.38 -7.26
N ASN C 404 25.04 8.83 -7.32
CA ASN C 404 24.28 8.78 -8.57
C ASN C 404 24.96 9.70 -9.59
N GLU C 405 25.12 9.24 -10.83
CA GLU C 405 25.76 9.99 -11.89
C GLU C 405 25.06 11.32 -12.16
N GLY C 406 25.85 12.39 -12.27
CA GLY C 406 25.32 13.73 -12.50
C GLY C 406 25.05 14.56 -11.26
N VAL C 407 25.00 13.92 -10.09
CA VAL C 407 24.77 14.60 -8.80
C VAL C 407 26.01 15.39 -8.42
N PHE C 408 27.15 14.73 -8.40
CA PHE C 408 28.43 15.38 -8.18
C PHE C 408 29.33 14.96 -9.33
N SER C 409 30.40 15.74 -9.58
CA SER C 409 31.40 15.39 -10.57
C SER C 409 32.25 14.29 -9.92
N MET C 410 33.08 13.60 -10.71
CA MET C 410 33.95 12.54 -10.22
C MET C 410 34.91 13.07 -9.13
N GLN C 411 35.49 14.25 -9.39
CA GLN C 411 36.40 14.98 -8.53
C GLN C 411 35.74 15.40 -7.18
N GLN C 412 34.46 15.80 -7.22
CA GLN C 412 33.71 16.17 -5.99
C GLN C 412 33.44 14.91 -5.15
N ARG C 413 33.09 13.78 -5.82
CA ARG C 413 32.85 12.48 -5.17
C ARG C 413 34.12 12.00 -4.46
N GLN C 414 35.28 12.19 -5.09
CA GLN C 414 36.60 11.81 -4.58
C GLN C 414 36.95 12.67 -3.36
N ALA C 415 36.60 13.97 -3.41
CA ALA C 415 36.82 14.90 -2.30
C ALA C 415 35.89 14.54 -1.13
N LEU C 416 34.60 14.27 -1.43
CA LEU C 416 33.59 13.88 -0.42
C LEU C 416 33.90 12.56 0.30
N ALA C 417 34.61 11.61 -0.33
CA ALA C 417 34.96 10.32 0.28
C ALA C 417 35.95 10.49 1.47
N GLN C 418 36.59 11.66 1.56
CA GLN C 418 37.55 12.00 2.60
C GLN C 418 36.90 12.55 3.86
N ILE C 419 35.62 12.98 3.77
CA ILE C 419 34.89 13.52 4.93
C ILE C 419 34.70 12.47 6.03
N SER C 420 34.58 12.96 7.27
CA SER C 420 34.36 12.17 8.48
C SER C 420 33.76 13.08 9.53
N LEU C 421 32.96 12.50 10.44
CA LEU C 421 32.36 13.26 11.54
C LEU C 421 33.45 13.88 12.47
N PRO C 422 34.56 13.17 12.85
CA PRO C 422 35.61 13.82 13.66
C PRO C 422 36.15 15.10 13.02
N ARG C 423 36.31 15.14 11.66
CA ARG C 423 36.75 16.36 10.93
C ARG C 423 35.72 17.51 11.03
N ILE C 424 34.41 17.22 10.92
CA ILE C 424 33.34 18.23 11.06
C ILE C 424 33.41 18.88 12.46
N ILE C 425 33.70 18.05 13.50
CA ILE C 425 33.88 18.50 14.89
C ILE C 425 35.12 19.41 14.93
N CYS C 426 36.23 18.97 14.30
CA CYS C 426 37.46 19.76 14.21
C CYS C 426 37.25 21.14 13.60
N ASP C 427 36.48 21.20 12.49
CA ASP C 427 36.23 22.42 11.72
C ASP C 427 35.24 23.40 12.30
N ASN C 428 34.39 22.97 13.25
CA ASN C 428 33.34 23.86 13.74
C ASN C 428 33.26 24.06 15.24
N THR C 429 34.29 23.62 15.98
CA THR C 429 34.28 23.71 17.46
C THR C 429 35.67 24.08 18.00
N GLY C 430 35.77 24.17 19.33
CA GLY C 430 37.01 24.43 20.05
C GLY C 430 37.75 23.15 20.40
N ILE C 431 37.16 21.99 20.03
CA ILE C 431 37.72 20.65 20.25
C ILE C 431 38.86 20.47 19.25
N THR C 432 40.05 20.09 19.76
CA THR C 432 41.28 19.92 18.99
C THR C 432 41.79 18.48 19.02
N THR C 433 41.16 17.60 19.85
CA THR C 433 41.47 16.18 20.01
C THR C 433 40.16 15.40 19.84
N VAL C 434 40.07 14.56 18.82
CA VAL C 434 38.85 13.83 18.46
C VAL C 434 39.10 12.35 18.31
N SER C 435 38.02 11.57 18.21
CA SER C 435 38.05 10.12 18.01
C SER C 435 38.71 9.76 16.69
N LYS C 436 39.45 8.65 16.69
CA LYS C 436 40.03 8.08 15.48
C LYS C 436 38.84 7.40 14.80
N ASN C 437 38.92 7.24 13.46
CA ASN C 437 37.90 6.56 12.70
C ASN C 437 37.98 5.07 13.06
N ASN C 438 36.84 4.37 13.33
CA ASN C 438 35.45 4.84 13.23
C ASN C 438 35.02 5.50 14.55
N ILE C 439 34.55 6.77 14.48
CA ILE C 439 34.01 7.54 15.62
C ILE C 439 32.91 6.78 16.42
N PHE C 440 32.15 5.88 15.75
CA PHE C 440 31.05 5.14 16.39
C PHE C 440 31.54 3.93 17.16
N MET C 441 32.80 3.56 16.96
CA MET C 441 33.45 2.46 17.66
C MET C 441 34.34 3.04 18.75
N SER C 442 35.22 4.01 18.38
CA SER C 442 36.13 4.72 19.27
C SER C 442 35.35 5.27 20.46
N ASN C 443 35.82 5.03 21.72
CA ASN C 443 35.11 5.49 22.93
C ASN C 443 35.99 5.69 24.17
N SER C 444 37.30 5.39 24.07
CA SER C 444 38.23 5.47 25.19
C SER C 444 39.34 6.49 24.98
N TYR C 445 39.40 7.51 25.86
CA TYR C 445 40.44 8.54 25.85
C TYR C 445 41.64 8.11 26.72
N PRO C 446 42.90 8.27 26.25
CA PRO C 446 43.34 8.84 24.96
C PRO C 446 43.64 7.82 23.85
N ARG C 447 43.44 6.51 24.14
CA ARG C 447 43.72 5.38 23.24
C ARG C 447 43.09 5.54 21.86
N ASP C 448 41.81 5.95 21.82
CA ASP C 448 41.02 6.08 20.59
C ASP C 448 40.97 7.52 20.08
N PHE C 449 41.91 8.38 20.51
CA PHE C 449 41.89 9.79 20.17
C PHE C 449 43.15 10.29 19.46
N VAL C 450 42.97 11.24 18.53
CA VAL C 450 44.03 11.88 17.73
C VAL C 450 43.83 13.39 17.72
N ASN C 451 44.88 14.15 17.42
CA ASN C 451 44.75 15.59 17.28
C ASN C 451 44.13 15.88 15.94
N CYS C 452 43.28 16.93 15.87
CA CYS C 452 42.59 17.39 14.67
C CYS C 452 43.53 17.62 13.49
N SER C 453 44.74 18.13 13.77
CA SER C 453 45.79 18.46 12.79
C SER C 453 46.27 17.28 11.92
N THR C 454 46.01 16.02 12.33
CA THR C 454 46.38 14.80 11.59
C THR C 454 45.29 14.41 10.58
N LEU C 455 44.08 14.98 10.72
CA LEU C 455 42.92 14.64 9.90
C LEU C 455 42.79 15.43 8.62
N PRO C 456 42.51 14.75 7.47
CA PRO C 456 42.33 15.48 6.21
C PRO C 456 41.03 16.28 6.15
N ALA C 457 41.14 17.54 5.72
CA ALA C 457 40.01 18.44 5.54
C ALA C 457 39.32 18.14 4.20
N LEU C 458 38.07 18.60 4.01
CA LEU C 458 37.36 18.41 2.74
C LEU C 458 37.97 19.43 1.75
N ASN C 459 38.46 18.95 0.61
CA ASN C 459 39.04 19.81 -0.42
C ASN C 459 37.92 20.35 -1.30
N LEU C 460 37.60 21.65 -1.19
CA LEU C 460 36.54 22.27 -1.97
C LEU C 460 36.98 22.75 -3.38
N ALA C 461 38.26 22.54 -3.76
CA ALA C 461 38.79 22.98 -5.08
C ALA C 461 37.93 22.61 -6.28
N SER C 462 37.39 21.37 -6.33
CA SER C 462 36.57 20.94 -7.47
C SER C 462 35.16 21.57 -7.49
N TRP C 463 34.85 22.46 -6.50
CA TRP C 463 33.60 23.24 -6.47
C TRP C 463 33.81 24.60 -7.17
N ARG C 464 35.07 24.94 -7.54
CA ARG C 464 35.34 26.19 -8.27
C ARG C 464 34.73 26.03 -9.69
N GLU C 465 33.71 26.88 -10.02
CA GLU C 465 32.97 26.85 -11.29
C GLU C 465 33.87 27.15 -12.49
N ASN D 2 -24.66 16.02 -15.86
CA ASN D 2 -23.56 16.98 -15.95
C ASN D 2 -22.38 16.38 -16.70
N CYS D 3 -21.80 15.25 -16.26
CA CYS D 3 -20.71 14.58 -17.01
C CYS D 3 -21.37 13.90 -18.20
N GLU D 4 -22.69 13.63 -18.08
CA GLU D 4 -23.50 13.00 -19.13
C GLU D 4 -23.76 13.94 -20.31
N THR D 5 -24.04 15.22 -20.02
CA THR D 5 -24.43 16.23 -21.03
C THR D 5 -23.38 17.31 -21.33
N SER D 6 -22.42 17.54 -20.42
CA SER D 6 -21.40 18.55 -20.66
C SER D 6 -20.02 17.97 -21.03
N CYS D 7 -19.20 18.78 -21.73
CA CYS D 7 -17.84 18.43 -22.15
C CYS D 7 -16.82 19.28 -21.42
N VAL D 8 -17.30 20.02 -20.41
CA VAL D 8 -16.47 20.84 -19.54
C VAL D 8 -15.68 19.88 -18.61
N GLN D 9 -14.36 20.06 -18.59
CA GLN D 9 -13.47 19.27 -17.75
C GLN D 9 -13.36 19.89 -16.35
N GLN D 10 -14.36 19.59 -15.52
CA GLN D 10 -14.47 20.07 -14.14
C GLN D 10 -14.93 18.92 -13.25
N PRO D 11 -14.42 18.77 -12.01
CA PRO D 11 -14.85 17.64 -11.14
C PRO D 11 -16.38 17.42 -11.07
N PRO D 12 -16.83 16.15 -11.12
CA PRO D 12 -16.07 14.89 -11.15
C PRO D 12 -15.86 14.37 -12.58
N CYS D 13 -15.94 15.28 -13.56
CA CYS D 13 -15.84 14.92 -14.99
C CYS D 13 -14.43 14.90 -15.52
N PHE D 14 -14.13 13.92 -16.39
CA PHE D 14 -12.84 13.80 -17.09
C PHE D 14 -13.18 13.33 -18.52
N PRO D 15 -13.91 14.18 -19.31
CA PRO D 15 -14.34 13.75 -20.66
C PRO D 15 -13.22 13.36 -21.60
N LEU D 16 -13.51 12.45 -22.51
CA LEU D 16 -12.55 12.02 -23.52
C LEU D 16 -12.61 13.02 -24.67
N LYS D 17 -11.47 13.69 -24.95
CA LYS D 17 -11.39 14.65 -26.04
C LYS D 17 -11.44 13.89 -27.38
N ILE D 18 -12.00 14.54 -28.39
CA ILE D 18 -12.17 13.98 -29.73
C ILE D 18 -11.04 14.42 -30.66
N PRO D 19 -10.33 13.46 -31.31
CA PRO D 19 -9.23 13.87 -32.23
C PRO D 19 -9.76 14.38 -33.58
N PRO D 20 -8.96 15.10 -34.41
CA PRO D 20 -9.48 15.44 -35.77
C PRO D 20 -9.63 14.18 -36.62
N ASN D 21 -10.50 14.20 -37.64
CA ASN D 21 -10.74 13.07 -38.57
C ASN D 21 -11.19 11.78 -37.88
N ASP D 22 -11.99 11.93 -36.81
CA ASP D 22 -12.56 10.82 -36.08
C ASP D 22 -13.58 10.12 -37.01
N PRO D 23 -13.59 8.78 -37.10
CA PRO D 23 -14.52 8.12 -38.03
C PRO D 23 -16.01 8.29 -37.74
N ARG D 24 -16.35 8.73 -36.51
CA ARG D 24 -17.74 8.88 -36.08
C ARG D 24 -18.10 10.29 -35.55
N ILE D 25 -17.31 10.83 -34.61
CA ILE D 25 -17.59 12.11 -33.96
C ILE D 25 -16.87 13.25 -34.71
N LYS D 26 -17.62 13.90 -35.63
CA LYS D 26 -17.10 14.93 -36.53
C LYS D 26 -16.91 16.30 -35.86
N ASN D 27 -17.46 16.49 -34.68
CA ASN D 27 -17.35 17.74 -33.94
C ASN D 27 -16.33 17.55 -32.79
N GLN D 28 -15.16 18.19 -32.93
CA GLN D 28 -14.07 18.14 -31.95
C GLN D 28 -14.41 18.83 -30.62
N ALA D 29 -15.53 19.58 -30.59
CA ALA D 29 -16.07 20.24 -29.39
C ALA D 29 -16.94 19.24 -28.61
N ASP D 30 -17.28 18.09 -29.24
CA ASP D 30 -18.01 17.00 -28.59
C ASP D 30 -17.02 16.16 -27.73
N CYS D 31 -17.53 15.15 -27.02
CA CYS D 31 -16.75 14.30 -26.13
C CYS D 31 -17.52 13.06 -25.80
N ILE D 32 -16.80 12.07 -25.31
CA ILE D 32 -17.40 10.83 -24.80
C ILE D 32 -17.50 11.06 -23.28
N PRO D 33 -18.71 10.93 -22.69
CA PRO D 33 -18.89 11.20 -21.26
C PRO D 33 -18.02 10.34 -20.34
N PHE D 34 -17.47 10.93 -19.28
CA PHE D 34 -16.62 10.21 -18.32
C PHE D 34 -16.66 10.83 -16.92
N PHE D 35 -17.12 10.04 -15.92
CA PHE D 35 -17.15 10.45 -14.50
C PHE D 35 -15.94 9.76 -13.85
N ARG D 36 -15.07 10.52 -13.20
CA ARG D 36 -13.92 9.99 -12.47
C ARG D 36 -14.43 9.07 -11.37
N SER D 37 -13.73 7.93 -11.19
CA SER D 37 -14.09 7.01 -10.09
C SER D 37 -14.00 7.78 -8.76
N CSO D 38 -14.87 7.44 -7.79
CA CSO D 38 -14.88 8.10 -6.49
CB CSO D 38 -15.89 7.46 -5.54
SG CSO D 38 -17.58 7.65 -6.06
C CSO D 38 -13.57 7.89 -5.73
O CSO D 38 -13.02 6.78 -5.75
OD CSO D 38 -17.75 9.15 -5.73
N PRO D 39 -13.01 8.95 -5.08
CA PRO D 39 -11.80 8.75 -4.28
C PRO D 39 -12.11 8.12 -2.94
N ALA D 40 -11.13 7.39 -2.36
CA ALA D 40 -11.24 6.75 -1.04
C ALA D 40 -11.27 7.83 0.05
N CYS D 41 -10.55 8.96 -0.17
CA CYS D 41 -10.47 10.11 0.73
C CYS D 41 -10.88 11.42 0.04
N PRO D 42 -12.21 11.69 -0.12
CA PRO D 42 -12.64 12.90 -0.83
C PRO D 42 -12.05 14.23 -0.32
N GLY D 43 -11.51 15.01 -1.25
CA GLY D 43 -10.94 16.33 -0.99
C GLY D 43 -9.67 16.40 -0.16
N SER D 44 -8.97 15.27 0.00
CA SER D 44 -7.73 15.23 0.77
C SER D 44 -6.54 15.87 0.03
N ASN D 45 -5.66 16.55 0.79
CA ASN D 45 -4.42 17.17 0.32
C ASN D 45 -3.21 16.35 0.84
N ILE D 46 -3.49 15.20 1.50
CA ILE D 46 -2.47 14.28 2.05
C ILE D 46 -2.36 12.99 1.24
N THR D 47 -3.48 12.35 0.96
CA THR D 47 -3.49 11.05 0.30
C THR D 47 -3.20 11.09 -1.19
N ILE D 48 -2.57 10.02 -1.68
CA ILE D 48 -2.35 9.79 -3.10
C ILE D 48 -3.69 9.14 -3.49
N ARG D 49 -4.42 9.76 -4.42
CA ARG D 49 -5.76 9.32 -4.81
C ARG D 49 -5.84 7.83 -5.12
N ASN D 50 -6.86 7.20 -4.54
CA ASN D 50 -7.11 5.78 -4.73
C ASN D 50 -8.59 5.57 -4.88
N GLN D 51 -8.95 4.47 -5.53
CA GLN D 51 -10.35 4.18 -5.80
C GLN D 51 -10.87 3.08 -4.89
N ILE D 52 -12.20 2.89 -4.88
CA ILE D 52 -12.90 1.96 -4.00
C ILE D 52 -13.43 0.75 -4.73
N ASN D 53 -13.37 -0.42 -4.11
CA ASN D 53 -14.04 -1.62 -4.61
C ASN D 53 -15.32 -1.74 -3.75
N ALA D 54 -16.50 -1.62 -4.39
CA ALA D 54 -17.82 -1.70 -3.78
C ALA D 54 -18.23 -3.15 -3.44
N LEU D 55 -17.44 -4.15 -3.92
CA LEU D 55 -17.76 -5.57 -3.76
C LEU D 55 -16.76 -6.30 -2.90
N THR D 56 -17.09 -7.55 -2.49
CA THR D 56 -16.17 -8.38 -1.73
C THR D 56 -15.20 -8.92 -2.78
N SER D 57 -13.90 -8.93 -2.52
CA SER D 57 -12.92 -9.42 -3.51
C SER D 57 -13.04 -10.92 -3.73
N PHE D 58 -13.51 -11.65 -2.70
CA PHE D 58 -13.65 -13.12 -2.70
C PHE D 58 -14.51 -13.67 -3.83
N VAL D 59 -14.16 -14.85 -4.35
CA VAL D 59 -15.00 -15.54 -5.31
C VAL D 59 -16.04 -16.22 -4.37
N ASP D 60 -17.09 -15.48 -4.04
CA ASP D 60 -18.13 -15.87 -3.08
C ASP D 60 -19.56 -15.65 -3.61
N ALA D 61 -19.73 -15.48 -4.96
CA ALA D 61 -21.01 -15.23 -5.63
C ALA D 61 -21.70 -13.99 -5.09
N SER D 62 -20.91 -12.95 -4.72
CA SER D 62 -21.48 -11.72 -4.22
C SER D 62 -22.31 -11.01 -5.32
N MET D 63 -22.14 -11.40 -6.64
CA MET D 63 -22.97 -10.91 -7.78
C MET D 63 -24.39 -11.45 -7.71
N VAL D 64 -24.59 -12.52 -6.93
CA VAL D 64 -25.89 -13.17 -6.70
C VAL D 64 -26.51 -12.65 -5.39
N TYR D 65 -25.70 -12.58 -4.31
CA TYR D 65 -26.14 -12.31 -2.96
C TYR D 65 -26.03 -10.89 -2.45
N GLY D 66 -25.17 -10.08 -3.06
CA GLY D 66 -24.93 -8.70 -2.61
C GLY D 66 -23.67 -8.66 -1.77
N SER D 67 -23.08 -7.46 -1.64
CA SER D 67 -21.87 -7.20 -0.85
C SER D 67 -22.17 -6.25 0.33
N GLU D 68 -23.45 -5.90 0.52
CA GLU D 68 -23.94 -5.04 1.60
C GLU D 68 -25.15 -5.70 2.23
N GLU D 69 -25.30 -5.58 3.56
CA GLU D 69 -26.39 -6.22 4.34
C GLU D 69 -27.81 -5.79 3.93
N PRO D 70 -28.17 -4.50 3.72
CA PRO D 70 -29.56 -4.18 3.32
C PRO D 70 -29.98 -4.78 1.97
N LEU D 71 -29.12 -4.67 0.93
CA LEU D 71 -29.41 -5.28 -0.37
C LEU D 71 -29.56 -6.81 -0.24
N ALA D 72 -28.64 -7.50 0.50
CA ALA D 72 -28.67 -8.95 0.70
C ALA D 72 -30.00 -9.41 1.28
N ARG D 73 -30.55 -8.63 2.25
CA ARG D 73 -31.86 -8.86 2.88
C ARG D 73 -32.98 -8.73 1.83
N ASN D 74 -33.01 -7.62 1.08
CA ASN D 74 -34.00 -7.31 0.04
C ASN D 74 -33.99 -8.30 -1.15
N LEU D 75 -32.86 -9.00 -1.36
CA LEU D 75 -32.78 -10.01 -2.43
C LEU D 75 -33.39 -11.33 -1.99
N ARG D 76 -33.61 -11.50 -0.68
CA ARG D 76 -34.18 -12.73 -0.11
C ARG D 76 -35.69 -12.70 -0.07
N ASN D 77 -36.30 -13.89 -0.13
CA ASN D 77 -37.74 -14.06 0.00
C ASN D 77 -38.00 -14.23 1.50
N MET D 78 -38.53 -13.19 2.12
CA MET D 78 -38.79 -13.17 3.56
C MET D 78 -40.24 -13.61 3.94
N SER D 79 -41.09 -13.88 2.92
CA SER D 79 -42.49 -14.31 3.08
C SER D 79 -42.67 -15.72 3.72
N ASN D 80 -41.60 -16.53 3.74
CA ASN D 80 -41.59 -17.89 4.26
C ASN D 80 -40.22 -18.25 4.89
N GLN D 81 -40.08 -19.52 5.37
CA GLN D 81 -38.84 -20.04 5.97
C GLN D 81 -38.13 -21.03 5.02
N LEU D 82 -38.23 -20.80 3.69
CA LEU D 82 -37.65 -21.72 2.70
C LEU D 82 -36.21 -21.38 2.28
N GLY D 83 -35.70 -20.23 2.72
CA GLY D 83 -34.35 -19.76 2.46
C GLY D 83 -34.07 -19.43 1.01
N LEU D 84 -35.12 -18.93 0.32
CA LEU D 84 -35.08 -18.61 -1.09
C LEU D 84 -34.72 -17.16 -1.36
N LEU D 85 -34.21 -16.93 -2.57
CA LEU D 85 -33.93 -15.60 -3.09
C LEU D 85 -35.24 -15.18 -3.76
N ALA D 86 -35.63 -13.92 -3.58
CA ALA D 86 -36.83 -13.33 -4.17
C ALA D 86 -36.80 -13.47 -5.69
N VAL D 87 -37.96 -13.76 -6.27
CA VAL D 87 -38.11 -13.94 -7.72
C VAL D 87 -39.06 -12.86 -8.27
N ASN D 88 -39.09 -12.67 -9.60
CA ASN D 88 -39.95 -11.69 -10.27
C ASN D 88 -41.44 -11.98 -9.97
N GLN D 89 -42.17 -10.96 -9.50
CA GLN D 89 -43.59 -11.09 -9.13
C GLN D 89 -44.57 -10.81 -10.28
N ARG D 90 -44.04 -10.40 -11.46
CA ARG D 90 -44.87 -10.11 -12.63
C ARG D 90 -44.71 -11.16 -13.74
N PHE D 91 -43.50 -11.69 -13.94
CA PHE D 91 -43.21 -12.60 -15.04
C PHE D 91 -42.43 -13.85 -14.65
N GLN D 92 -42.59 -14.89 -15.49
CA GLN D 92 -41.92 -16.19 -15.43
C GLN D 92 -41.46 -16.55 -16.85
N ASP D 93 -40.35 -17.29 -16.95
CA ASP D 93 -39.74 -17.73 -18.20
C ASP D 93 -40.16 -19.18 -18.36
N ASN D 94 -41.30 -19.39 -19.05
CA ASN D 94 -41.96 -20.69 -19.24
C ASN D 94 -42.07 -21.46 -17.91
N GLY D 95 -42.63 -20.79 -16.89
CA GLY D 95 -42.82 -21.36 -15.55
C GLY D 95 -41.58 -21.36 -14.68
N ARG D 96 -40.46 -20.80 -15.17
CA ARG D 96 -39.21 -20.74 -14.38
C ARG D 96 -38.96 -19.32 -13.99
N ALA D 97 -38.38 -19.12 -12.80
CA ALA D 97 -38.16 -17.82 -12.20
C ALA D 97 -37.24 -16.84 -12.97
N LEU D 98 -37.57 -15.55 -12.89
CA LEU D 98 -36.76 -14.47 -13.43
C LEU D 98 -36.37 -13.60 -12.23
N LEU D 99 -35.30 -12.81 -12.37
CA LEU D 99 -34.83 -11.92 -11.29
C LEU D 99 -35.92 -10.89 -10.95
N PRO D 100 -36.01 -10.38 -9.71
CA PRO D 100 -36.97 -9.29 -9.45
C PRO D 100 -36.58 -8.03 -10.23
N PHE D 101 -37.52 -7.09 -10.42
CA PHE D 101 -37.21 -5.83 -11.06
C PHE D 101 -36.62 -4.90 -10.02
N ASP D 102 -35.76 -4.00 -10.45
CA ASP D 102 -35.18 -2.99 -9.57
C ASP D 102 -36.10 -1.76 -9.64
N ASN D 103 -35.90 -0.80 -8.73
CA ASN D 103 -36.63 0.46 -8.69
C ASN D 103 -35.62 1.62 -8.78
N LEU D 104 -35.19 1.92 -10.01
CA LEU D 104 -34.20 2.95 -10.31
C LEU D 104 -34.81 4.29 -10.69
N HIS D 105 -34.20 5.38 -10.23
CA HIS D 105 -34.66 6.76 -10.48
C HIS D 105 -34.75 7.04 -11.98
N ASP D 106 -33.71 6.66 -12.75
CA ASP D 106 -33.65 6.79 -14.19
C ASP D 106 -33.20 5.41 -14.65
N ASP D 107 -34.18 4.56 -14.95
CA ASP D 107 -33.94 3.17 -15.35
C ASP D 107 -33.50 3.16 -16.81
N PRO D 108 -32.25 2.72 -17.12
CA PRO D 108 -31.81 2.73 -18.53
C PRO D 108 -32.45 1.64 -19.38
N CYS D 109 -32.87 0.52 -18.76
CA CYS D 109 -33.54 -0.61 -19.44
C CYS D 109 -34.84 -0.17 -20.09
N LEU D 110 -35.58 0.77 -19.45
CA LEU D 110 -36.81 1.34 -19.97
C LEU D 110 -36.55 2.15 -21.26
N LEU D 111 -35.33 2.66 -21.43
CA LEU D 111 -34.91 3.47 -22.56
C LEU D 111 -34.54 2.67 -23.82
N THR D 112 -34.39 1.33 -23.69
CA THR D 112 -34.01 0.45 -24.80
C THR D 112 -35.19 0.05 -25.69
N ASN D 113 -36.41 0.05 -25.11
CA ASN D 113 -37.68 -0.20 -25.77
C ASN D 113 -38.70 0.46 -24.92
N ARG D 114 -39.09 1.69 -25.31
CA ARG D 114 -40.06 2.50 -24.57
C ARG D 114 -41.43 1.83 -24.48
N SER D 115 -41.92 1.19 -25.58
CA SER D 115 -43.22 0.50 -25.57
C SER D 115 -43.30 -0.72 -24.62
N ALA D 116 -42.24 -1.56 -24.60
CA ALA D 116 -42.12 -2.77 -23.76
C ALA D 116 -42.27 -2.52 -22.25
N ARG D 117 -41.71 -1.39 -21.77
CA ARG D 117 -41.74 -0.91 -20.37
C ARG D 117 -41.22 -1.94 -19.36
N ILE D 118 -40.05 -2.53 -19.67
CA ILE D 118 -39.43 -3.53 -18.80
C ILE D 118 -38.22 -2.88 -18.13
N PRO D 119 -38.27 -2.69 -16.80
CA PRO D 119 -37.13 -2.09 -16.10
C PRO D 119 -35.97 -3.06 -15.91
N CYS D 120 -34.86 -2.58 -15.33
CA CYS D 120 -33.68 -3.40 -15.04
C CYS D 120 -33.98 -4.36 -13.91
N PHE D 121 -33.24 -5.46 -13.90
CA PHE D 121 -33.37 -6.48 -12.88
C PHE D 121 -32.60 -6.06 -11.63
N LEU D 122 -32.95 -6.67 -10.49
CA LEU D 122 -32.32 -6.42 -9.20
C LEU D 122 -31.58 -7.70 -8.87
N ALA D 123 -30.27 -7.57 -8.65
CA ALA D 123 -29.39 -8.70 -8.33
C ALA D 123 -28.34 -8.26 -7.29
N GLY D 124 -27.44 -9.17 -6.90
CA GLY D 124 -26.35 -8.89 -5.97
C GLY D 124 -25.40 -7.79 -6.45
N ASP D 125 -25.22 -7.68 -7.77
CA ASP D 125 -24.40 -6.66 -8.42
C ASP D 125 -25.33 -5.82 -9.32
N THR D 126 -25.09 -4.50 -9.38
CA THR D 126 -25.87 -3.49 -10.11
C THR D 126 -25.86 -3.60 -11.64
N ARG D 127 -24.90 -4.33 -12.21
CA ARG D 127 -24.75 -4.42 -13.66
C ARG D 127 -25.46 -5.62 -14.29
N SER D 128 -26.31 -6.33 -13.55
CA SER D 128 -26.96 -7.57 -14.00
C SER D 128 -27.66 -7.49 -15.38
N SER D 129 -28.29 -6.35 -15.68
CA SER D 129 -29.03 -6.12 -16.94
C SER D 129 -28.18 -5.58 -18.11
N GLU D 130 -26.88 -5.26 -17.89
CA GLU D 130 -25.99 -4.65 -18.89
C GLU D 130 -26.01 -5.36 -20.30
N MET D 131 -26.21 -6.68 -20.34
CA MET D 131 -26.37 -7.46 -21.57
C MET D 131 -27.20 -8.71 -21.24
N PRO D 132 -28.18 -9.16 -22.09
CA PRO D 132 -29.04 -10.32 -21.70
C PRO D 132 -28.33 -11.64 -21.47
N GLU D 133 -27.10 -11.78 -21.97
CA GLU D 133 -26.24 -12.96 -21.82
C GLU D 133 -25.77 -13.02 -20.36
N LEU D 134 -25.45 -11.84 -19.78
CA LEU D 134 -25.06 -11.64 -18.40
C LEU D 134 -26.25 -11.87 -17.48
N THR D 135 -27.42 -11.34 -17.86
CA THR D 135 -28.67 -11.49 -17.09
C THR D 135 -29.05 -12.97 -16.98
N SER D 136 -28.84 -13.71 -18.07
CA SER D 136 -29.16 -15.14 -18.18
C SER D 136 -28.35 -15.95 -17.19
N MET D 137 -27.04 -15.59 -17.06
CA MET D 137 -26.09 -16.17 -16.10
C MET D 137 -26.54 -15.90 -14.64
N HIS D 138 -26.94 -14.63 -14.33
CA HIS D 138 -27.48 -14.23 -13.02
C HIS D 138 -28.74 -15.04 -12.64
N THR D 139 -29.72 -15.12 -13.59
CA THR D 139 -30.99 -15.85 -13.52
C THR D 139 -30.71 -17.34 -13.29
N LEU D 140 -29.70 -17.90 -14.00
CA LEU D 140 -29.26 -19.29 -13.86
C LEU D 140 -28.85 -19.61 -12.41
N LEU D 141 -27.98 -18.77 -11.84
CA LEU D 141 -27.46 -18.91 -10.47
C LEU D 141 -28.52 -18.69 -9.41
N LEU D 142 -29.43 -17.71 -9.64
CA LEU D 142 -30.55 -17.47 -8.73
C LEU D 142 -31.44 -18.72 -8.60
N ARG D 143 -31.83 -19.36 -9.74
CA ARG D 143 -32.65 -20.59 -9.79
C ARG D 143 -31.93 -21.77 -9.13
N GLU D 144 -30.58 -21.82 -9.25
CA GLU D 144 -29.74 -22.86 -8.63
C GLU D 144 -29.75 -22.72 -7.12
N HIS D 145 -29.71 -21.47 -6.60
CA HIS D 145 -29.80 -21.23 -5.16
C HIS D 145 -31.14 -21.79 -4.62
N ASN D 146 -32.26 -21.41 -5.26
CA ASN D 146 -33.61 -21.84 -4.90
C ASN D 146 -33.78 -23.36 -5.05
N ARG D 147 -33.12 -23.99 -6.04
CA ARG D 147 -33.15 -25.45 -6.25
C ARG D 147 -32.37 -26.16 -5.13
N LEU D 148 -31.21 -25.61 -4.75
CA LEU D 148 -30.40 -26.18 -3.67
C LEU D 148 -31.13 -26.04 -2.33
N ALA D 149 -31.76 -24.88 -2.07
CA ALA D 149 -32.56 -24.62 -0.87
C ALA D 149 -33.73 -25.60 -0.73
N THR D 150 -34.40 -25.96 -1.86
CA THR D 150 -35.55 -26.87 -1.93
C THR D 150 -35.14 -28.31 -1.58
N GLU D 151 -34.03 -28.80 -2.17
CA GLU D 151 -33.50 -30.14 -1.92
C GLU D 151 -32.95 -30.24 -0.49
N LEU D 152 -32.31 -29.15 0.01
CA LEU D 152 -31.77 -29.11 1.37
C LEU D 152 -32.91 -29.16 2.41
N LYS D 153 -34.08 -28.58 2.06
CA LYS D 153 -35.28 -28.56 2.91
C LYS D 153 -35.83 -29.97 3.07
N SER D 154 -35.90 -30.77 1.98
CA SER D 154 -36.37 -32.15 1.99
C SER D 154 -35.48 -33.02 2.90
N LEU D 155 -34.15 -32.83 2.77
CA LEU D 155 -33.07 -33.52 3.47
C LEU D 155 -33.03 -33.13 4.95
N ASN D 156 -33.23 -31.85 5.25
CA ASN D 156 -33.24 -31.34 6.62
C ASN D 156 -34.52 -30.54 6.93
N PRO D 157 -35.66 -31.24 7.20
CA PRO D 157 -36.93 -30.52 7.48
C PRO D 157 -36.93 -29.57 8.68
N ARG D 158 -35.98 -29.70 9.60
CA ARG D 158 -35.92 -28.81 10.78
C ARG D 158 -35.15 -27.51 10.51
N TRP D 159 -34.42 -27.44 9.40
CA TRP D 159 -33.64 -26.25 9.03
C TRP D 159 -34.57 -25.08 8.74
N ASP D 160 -34.28 -23.92 9.36
CA ASP D 160 -35.07 -22.72 9.16
C ASP D 160 -34.61 -21.99 7.88
N GLY D 161 -35.25 -20.86 7.55
CA GLY D 161 -34.91 -20.07 6.37
C GLY D 161 -33.47 -19.63 6.32
N GLU D 162 -32.94 -19.10 7.45
CA GLU D 162 -31.57 -18.62 7.57
C GLU D 162 -30.55 -19.71 7.26
N ARG D 163 -30.74 -20.91 7.85
CA ARG D 163 -29.87 -22.07 7.66
C ARG D 163 -29.87 -22.53 6.20
N LEU D 164 -31.07 -22.65 5.59
CA LEU D 164 -31.27 -23.07 4.20
C LEU D 164 -30.61 -22.11 3.20
N TYR D 165 -30.81 -20.78 3.41
CA TYR D 165 -30.22 -19.74 2.56
C TYR D 165 -28.68 -19.80 2.58
N GLN D 166 -28.09 -19.85 3.79
CA GLN D 166 -26.63 -19.88 4.02
C GLN D 166 -25.98 -21.12 3.44
N GLU D 167 -26.62 -22.31 3.59
CA GLU D 167 -26.11 -23.59 3.07
C GLU D 167 -26.14 -23.66 1.55
N ALA D 168 -27.22 -23.14 0.92
CA ALA D 168 -27.38 -23.08 -0.54
C ALA D 168 -26.39 -22.03 -1.07
N ARG D 169 -26.22 -20.89 -0.35
CA ARG D 169 -25.28 -19.77 -0.66
C ARG D 169 -23.84 -20.28 -0.63
N LYS D 170 -23.53 -21.15 0.35
CA LYS D 170 -22.23 -21.77 0.54
C LYS D 170 -21.92 -22.68 -0.65
N ILE D 171 -22.95 -23.43 -1.12
CA ILE D 171 -22.82 -24.31 -2.28
C ILE D 171 -22.55 -23.50 -3.57
N VAL D 172 -23.38 -22.47 -3.86
CA VAL D 172 -23.29 -21.61 -5.05
C VAL D 172 -21.89 -20.97 -5.18
N GLY D 173 -21.36 -20.43 -4.07
CA GLY D 173 -20.03 -19.84 -4.03
C GLY D 173 -18.92 -20.82 -4.38
N ALA D 174 -19.00 -22.06 -3.86
CA ALA D 174 -18.03 -23.14 -4.15
C ALA D 174 -18.12 -23.54 -5.63
N MET D 175 -19.34 -23.54 -6.19
CA MET D 175 -19.61 -23.84 -7.60
C MET D 175 -19.01 -22.79 -8.49
N VAL D 176 -19.02 -21.51 -8.05
CA VAL D 176 -18.41 -20.43 -8.83
C VAL D 176 -16.90 -20.60 -8.78
N GLN D 177 -16.35 -20.94 -7.57
CA GLN D 177 -14.91 -21.18 -7.36
C GLN D 177 -14.37 -22.33 -8.20
N ILE D 178 -15.08 -23.48 -8.23
CA ILE D 178 -14.68 -24.66 -8.99
C ILE D 178 -14.64 -24.35 -10.49
N ILE D 179 -15.77 -23.88 -11.07
CA ILE D 179 -15.85 -23.51 -12.50
C ILE D 179 -14.73 -22.53 -12.89
N THR D 180 -14.48 -21.50 -12.06
CA THR D 180 -13.44 -20.49 -12.30
C THR D 180 -12.04 -21.09 -12.38
N TYR D 181 -11.62 -21.80 -11.33
CA TYR D 181 -10.27 -22.32 -11.20
C TYR D 181 -10.02 -23.61 -11.96
N ARG D 182 -11.01 -24.52 -11.98
CA ARG D 182 -10.89 -25.78 -12.69
C ARG D 182 -11.02 -25.63 -14.22
N ASP D 183 -12.04 -24.91 -14.68
CA ASP D 183 -12.39 -24.79 -16.11
C ASP D 183 -12.05 -23.47 -16.79
N TYR D 184 -12.35 -22.34 -16.14
CA TYR D 184 -12.17 -21.03 -16.77
C TYR D 184 -10.70 -20.59 -16.89
N LEU D 185 -10.01 -20.41 -15.75
CA LEU D 185 -8.64 -19.90 -15.63
C LEU D 185 -7.58 -20.69 -16.43
N PRO D 186 -7.57 -22.06 -16.51
CA PRO D 186 -6.54 -22.71 -17.32
C PRO D 186 -6.58 -22.30 -18.80
N LEU D 187 -7.80 -22.03 -19.31
CA LEU D 187 -8.09 -21.59 -20.68
C LEU D 187 -7.81 -20.09 -20.90
N VAL D 188 -7.65 -19.32 -19.81
CA VAL D 188 -7.29 -17.91 -19.88
C VAL D 188 -5.76 -17.81 -19.91
N LEU D 189 -5.11 -18.43 -18.91
CA LEU D 189 -3.67 -18.34 -18.72
C LEU D 189 -2.81 -19.21 -19.64
N GLY D 190 -3.27 -20.42 -19.94
CA GLY D 190 -2.48 -21.39 -20.67
C GLY D 190 -1.75 -22.26 -19.66
N PRO D 191 -1.28 -23.48 -20.03
CA PRO D 191 -0.68 -24.36 -19.01
C PRO D 191 0.57 -23.81 -18.31
N THR D 192 1.47 -23.14 -19.05
CA THR D 192 2.72 -22.58 -18.52
C THR D 192 2.45 -21.55 -17.41
N ALA D 193 1.64 -20.52 -17.69
CA ALA D 193 1.27 -19.48 -16.74
C ALA D 193 0.41 -20.03 -15.61
N MET D 194 -0.45 -21.06 -15.88
CA MET D 194 -1.28 -21.71 -14.87
C MET D 194 -0.37 -22.34 -13.80
N ARG D 195 0.70 -23.06 -14.23
CA ARG D 195 1.66 -23.72 -13.31
C ARG D 195 2.47 -22.70 -12.51
N LYS D 196 2.91 -21.61 -13.17
CA LYS D 196 3.71 -20.55 -12.58
C LYS D 196 2.93 -19.73 -11.54
N TYR D 197 1.80 -19.15 -11.94
CA TYR D 197 1.04 -18.24 -11.10
C TYR D 197 -0.02 -18.92 -10.24
N LEU D 198 -0.50 -20.12 -10.63
CA LEU D 198 -1.47 -20.85 -9.81
C LEU D 198 -1.02 -22.28 -9.50
N PRO D 199 0.03 -22.47 -8.64
CA PRO D 199 0.43 -23.84 -8.30
C PRO D 199 -0.62 -24.50 -7.42
N THR D 200 -0.59 -25.84 -7.34
CA THR D 200 -1.51 -26.66 -6.55
C THR D 200 -1.81 -26.03 -5.19
N TYR D 201 -3.10 -25.95 -4.86
CA TYR D 201 -3.56 -25.40 -3.58
C TYR D 201 -3.03 -26.25 -2.44
N ARG D 202 -2.34 -25.61 -1.47
CA ARG D 202 -1.79 -26.31 -0.32
C ARG D 202 -2.73 -26.08 0.86
N SER D 203 -2.86 -24.81 1.31
CA SER D 203 -3.71 -24.45 2.45
C SER D 203 -3.97 -22.97 2.51
N TYR D 204 -4.90 -22.57 3.39
CA TYR D 204 -5.20 -21.18 3.62
C TYR D 204 -3.99 -20.53 4.29
N ASN D 205 -3.63 -19.35 3.82
CA ASN D 205 -2.53 -18.61 4.40
C ASN D 205 -3.09 -17.20 4.69
N ASP D 206 -3.22 -16.87 5.99
CA ASP D 206 -3.77 -15.60 6.49
C ASP D 206 -2.84 -14.39 6.29
N SER D 207 -1.65 -14.62 5.70
CA SER D 207 -0.67 -13.56 5.41
C SER D 207 -0.74 -13.14 3.93
N VAL D 208 -1.62 -13.80 3.16
CA VAL D 208 -1.86 -13.51 1.75
C VAL D 208 -2.99 -12.44 1.70
N ASP D 209 -2.68 -11.26 1.18
CA ASP D 209 -3.63 -10.15 1.04
C ASP D 209 -4.62 -10.50 -0.09
N PRO D 210 -5.94 -10.66 0.19
CA PRO D 210 -6.88 -11.07 -0.85
C PRO D 210 -7.58 -9.93 -1.58
N ARG D 211 -7.19 -8.68 -1.33
CA ARG D 211 -7.79 -7.51 -1.98
C ARG D 211 -7.55 -7.50 -3.49
N ILE D 212 -8.51 -6.95 -4.23
CA ILE D 212 -8.37 -6.74 -5.68
C ILE D 212 -7.37 -5.57 -5.82
N ALA D 213 -6.32 -5.76 -6.66
CA ALA D 213 -5.36 -4.70 -6.94
C ALA D 213 -6.02 -3.74 -7.90
N ASN D 214 -5.68 -2.45 -7.76
CA ASN D 214 -6.22 -1.41 -8.64
C ASN D 214 -6.03 -1.76 -10.13
N VAL D 215 -4.82 -2.20 -10.52
CA VAL D 215 -4.46 -2.61 -11.89
C VAL D 215 -5.36 -3.74 -12.42
N PHE D 216 -5.80 -4.67 -11.55
CA PHE D 216 -6.65 -5.79 -11.99
C PHE D 216 -7.98 -5.30 -12.58
N THR D 217 -8.55 -4.22 -12.04
CA THR D 217 -9.82 -3.64 -12.51
C THR D 217 -9.73 -3.24 -13.96
N ASN D 218 -8.50 -2.95 -14.45
CA ASN D 218 -8.24 -2.58 -15.82
C ASN D 218 -7.70 -3.77 -16.62
N ALA D 219 -6.73 -4.55 -16.07
CA ALA D 219 -6.15 -5.70 -16.76
C ALA D 219 -7.18 -6.79 -17.10
N PHE D 220 -8.17 -7.02 -16.20
CA PHE D 220 -9.20 -8.05 -16.43
C PHE D 220 -10.20 -7.65 -17.51
N ARG D 221 -10.14 -6.39 -17.97
CA ARG D 221 -10.94 -5.87 -19.09
C ARG D 221 -10.41 -6.43 -20.43
N TYR D 222 -9.43 -7.37 -20.38
CA TYR D 222 -8.88 -8.10 -21.53
C TYR D 222 -10.06 -8.81 -22.25
N GLY D 223 -11.06 -9.23 -21.46
CA GLY D 223 -12.27 -9.91 -21.92
C GLY D 223 -13.09 -9.12 -22.93
N HIS D 224 -12.92 -7.79 -22.98
CA HIS D 224 -13.58 -6.94 -23.99
C HIS D 224 -13.14 -7.37 -25.41
N THR D 225 -11.95 -7.97 -25.53
CA THR D 225 -11.45 -8.46 -26.82
C THR D 225 -12.16 -9.74 -27.30
N LEU D 226 -12.96 -10.40 -26.41
CA LEU D 226 -13.66 -11.67 -26.67
C LEU D 226 -15.09 -11.49 -27.15
N ILE D 227 -15.56 -10.25 -27.12
CA ILE D 227 -16.93 -9.85 -27.42
C ILE D 227 -17.25 -9.93 -28.91
N GLN D 228 -18.32 -10.69 -29.22
CA GLN D 228 -18.89 -10.85 -30.56
C GLN D 228 -19.81 -9.63 -30.81
N PRO D 229 -20.01 -9.14 -32.07
CA PRO D 229 -20.88 -7.97 -32.27
C PRO D 229 -22.40 -8.25 -32.19
N PHE D 230 -22.78 -9.52 -31.95
CA PHE D 230 -24.18 -9.91 -31.87
C PHE D 230 -24.48 -10.71 -30.65
N MET D 231 -25.77 -10.72 -30.25
CA MET D 231 -26.30 -11.62 -29.24
C MET D 231 -26.98 -12.69 -30.07
N PHE D 232 -26.53 -13.94 -29.92
CA PHE D 232 -26.96 -15.11 -30.68
C PHE D 232 -27.98 -15.94 -29.91
N ARG D 233 -29.15 -16.20 -30.52
CA ARG D 233 -30.22 -16.98 -29.88
C ARG D 233 -30.58 -18.21 -30.72
N LEU D 234 -30.57 -19.38 -30.07
CA LEU D 234 -30.84 -20.67 -30.70
C LEU D 234 -32.01 -21.41 -30.05
N ASP D 235 -32.83 -22.10 -30.86
CA ASP D 235 -34.00 -22.89 -30.42
C ASP D 235 -33.60 -24.29 -29.90
N ASN D 236 -34.59 -25.18 -29.61
CA ASN D 236 -34.33 -26.55 -29.09
C ASN D 236 -33.55 -27.46 -30.04
N ARG D 237 -33.45 -27.08 -31.32
CA ARG D 237 -32.71 -27.84 -32.33
C ARG D 237 -31.31 -27.23 -32.53
N TYR D 238 -30.99 -26.17 -31.75
CA TYR D 238 -29.74 -25.39 -31.80
C TYR D 238 -29.59 -24.68 -33.16
N GLN D 239 -30.73 -24.33 -33.76
CA GLN D 239 -30.82 -23.62 -35.03
C GLN D 239 -31.17 -22.15 -34.76
N PRO D 240 -30.72 -21.21 -35.62
CA PRO D 240 -31.04 -19.78 -35.39
C PRO D 240 -32.52 -19.55 -35.10
N MET D 241 -32.82 -18.91 -33.95
CA MET D 241 -34.19 -18.64 -33.53
C MET D 241 -34.74 -17.41 -34.25
N GLU D 242 -35.72 -17.63 -35.14
CA GLU D 242 -36.33 -16.58 -35.95
C GLU D 242 -37.40 -15.76 -35.20
N PRO D 243 -37.66 -14.48 -35.58
CA PRO D 243 -37.08 -13.69 -36.69
C PRO D 243 -35.81 -12.87 -36.38
N ASN D 244 -35.35 -12.82 -35.09
CA ASN D 244 -34.14 -12.07 -34.70
C ASN D 244 -33.05 -13.00 -34.11
N PRO D 245 -32.42 -13.92 -34.91
CA PRO D 245 -31.40 -14.81 -34.33
C PRO D 245 -30.05 -14.17 -33.98
N ARG D 246 -29.72 -13.01 -34.62
CA ARG D 246 -28.47 -12.26 -34.44
C ARG D 246 -28.82 -10.80 -34.22
N VAL D 247 -28.89 -10.39 -32.97
CA VAL D 247 -29.23 -9.01 -32.61
C VAL D 247 -27.94 -8.22 -32.40
N PRO D 248 -27.70 -7.07 -33.11
CA PRO D 248 -26.47 -6.30 -32.84
C PRO D 248 -26.39 -5.95 -31.37
N LEU D 249 -25.18 -6.03 -30.80
CA LEU D 249 -24.92 -5.75 -29.38
C LEU D 249 -25.34 -4.34 -28.92
N SER D 250 -25.39 -3.35 -29.86
CA SER D 250 -25.79 -1.97 -29.53
C SER D 250 -27.31 -1.79 -29.35
N ARG D 251 -28.07 -2.87 -29.52
CA ARG D 251 -29.53 -2.95 -29.39
C ARG D 251 -29.92 -3.96 -28.29
N VAL D 252 -28.90 -4.47 -27.53
CA VAL D 252 -29.07 -5.43 -26.44
C VAL D 252 -28.60 -4.85 -25.09
N PHE D 253 -27.79 -3.78 -25.12
CA PHE D 253 -27.30 -3.20 -23.85
C PHE D 253 -28.47 -2.66 -23.02
N PHE D 254 -28.68 -3.24 -21.82
CA PHE D 254 -29.78 -2.95 -20.91
C PHE D 254 -31.14 -3.41 -21.49
N ALA D 255 -31.11 -4.35 -22.43
CA ALA D 255 -32.36 -4.86 -23.01
C ALA D 255 -32.98 -5.99 -22.15
N SER D 256 -33.40 -5.63 -20.91
CA SER D 256 -34.06 -6.59 -20.00
C SER D 256 -35.35 -7.09 -20.65
N TRP D 257 -35.99 -6.23 -21.50
CA TRP D 257 -37.20 -6.55 -22.24
C TRP D 257 -37.07 -7.80 -23.13
N ARG D 258 -35.85 -8.07 -23.66
CA ARG D 258 -35.57 -9.22 -24.53
C ARG D 258 -35.64 -10.53 -23.74
N VAL D 259 -35.22 -10.49 -22.48
CA VAL D 259 -35.28 -11.68 -21.62
C VAL D 259 -36.77 -11.98 -21.37
N VAL D 260 -37.50 -10.96 -20.90
CA VAL D 260 -38.91 -11.00 -20.54
C VAL D 260 -39.83 -11.36 -21.72
N LEU D 261 -39.79 -10.58 -22.80
CA LEU D 261 -40.71 -10.74 -23.94
C LEU D 261 -40.18 -11.50 -25.14
N GLU D 262 -38.88 -11.81 -25.21
CA GLU D 262 -38.34 -12.50 -26.39
C GLU D 262 -37.76 -13.91 -26.14
N GLY D 263 -38.48 -14.74 -25.38
CA GLY D 263 -38.14 -16.15 -25.22
C GLY D 263 -37.40 -16.67 -24.01
N GLY D 264 -37.04 -15.79 -23.09
CA GLY D 264 -36.34 -16.17 -21.88
C GLY D 264 -34.85 -16.39 -22.00
N ILE D 265 -34.27 -17.10 -21.03
CA ILE D 265 -32.83 -17.33 -20.96
C ILE D 265 -32.37 -18.56 -21.75
N ASP D 266 -33.27 -19.49 -22.12
CA ASP D 266 -32.88 -20.69 -22.89
C ASP D 266 -32.27 -20.38 -24.27
N PRO D 267 -32.83 -19.48 -25.12
CA PRO D 267 -32.20 -19.22 -26.43
C PRO D 267 -30.83 -18.54 -26.29
N ILE D 268 -30.70 -17.69 -25.25
CA ILE D 268 -29.49 -16.94 -24.93
C ILE D 268 -28.38 -17.87 -24.43
N LEU D 269 -28.70 -18.83 -23.55
CA LEU D 269 -27.71 -19.79 -23.03
C LEU D 269 -27.20 -20.72 -24.13
N ARG D 270 -28.11 -21.19 -25.02
CA ARG D 270 -27.79 -22.03 -26.17
C ARG D 270 -26.85 -21.29 -27.12
N GLY D 271 -27.12 -20.01 -27.37
CA GLY D 271 -26.26 -19.16 -28.17
C GLY D 271 -24.87 -19.06 -27.59
N LEU D 272 -24.75 -18.86 -26.24
CA LEU D 272 -23.45 -18.77 -25.55
C LEU D 272 -22.58 -20.03 -25.70
N MET D 273 -23.19 -21.19 -25.51
CA MET D 273 -22.56 -22.50 -25.62
C MET D 273 -22.19 -22.93 -27.04
N ALA D 274 -23.06 -22.60 -28.04
CA ALA D 274 -22.87 -23.05 -29.43
C ALA D 274 -22.30 -21.98 -30.39
N THR D 275 -21.92 -20.81 -29.89
CA THR D 275 -21.32 -19.78 -30.75
C THR D 275 -19.87 -19.60 -30.29
N PRO D 276 -18.90 -19.48 -31.25
CA PRO D 276 -17.52 -19.26 -30.81
C PRO D 276 -17.35 -17.86 -30.22
N ALA D 277 -16.35 -17.67 -29.35
CA ALA D 277 -16.03 -16.34 -28.83
C ALA D 277 -15.24 -15.61 -29.95
N LYS D 278 -15.04 -14.30 -29.82
CA LYS D 278 -14.22 -13.58 -30.79
C LYS D 278 -12.76 -13.84 -30.36
N LEU D 279 -11.89 -14.17 -31.34
CA LEU D 279 -10.48 -14.34 -31.04
C LEU D 279 -9.82 -12.96 -30.97
N ASN D 280 -8.97 -12.74 -29.97
CA ASN D 280 -8.19 -11.52 -29.88
C ASN D 280 -7.01 -11.69 -30.83
N ARG D 281 -6.87 -10.78 -31.79
CA ARG D 281 -5.77 -10.77 -32.75
C ARG D 281 -5.21 -9.37 -32.73
N GLN D 282 -3.90 -9.23 -32.98
CA GLN D 282 -3.21 -7.94 -32.94
C GLN D 282 -3.73 -6.93 -33.94
N ASN D 283 -4.43 -7.42 -34.98
CA ASN D 283 -5.03 -6.59 -36.03
C ASN D 283 -6.56 -6.60 -35.89
N GLN D 284 -7.09 -7.25 -34.85
CA GLN D 284 -8.53 -7.38 -34.60
C GLN D 284 -8.78 -7.33 -33.09
N ILE D 285 -8.43 -6.22 -32.42
CA ILE D 285 -8.48 -6.12 -30.95
C ILE D 285 -9.95 -6.08 -30.43
N ALA D 286 -10.75 -5.05 -30.74
CA ALA D 286 -12.14 -4.98 -30.28
C ALA D 286 -13.10 -4.42 -31.35
N VAL D 287 -14.32 -4.97 -31.39
CA VAL D 287 -15.39 -4.66 -32.36
C VAL D 287 -16.02 -3.30 -32.15
N ASP D 288 -16.58 -2.73 -33.23
CA ASP D 288 -17.22 -1.43 -33.22
C ASP D 288 -18.55 -1.42 -32.43
N GLU D 289 -19.12 -2.60 -32.09
CA GLU D 289 -20.37 -2.58 -31.27
C GLU D 289 -20.11 -2.03 -29.87
N ILE D 290 -18.85 -2.15 -29.39
CA ILE D 290 -18.41 -1.60 -28.08
C ILE D 290 -17.48 -0.39 -28.26
N ARG D 291 -16.79 -0.31 -29.41
CA ARG D 291 -15.86 0.77 -29.74
C ARG D 291 -16.56 2.02 -30.28
N GLU D 292 -17.74 1.86 -30.91
CA GLU D 292 -18.48 2.98 -31.51
C GLU D 292 -19.87 3.17 -30.94
N ARG D 293 -20.58 2.07 -30.65
CA ARG D 293 -21.99 2.06 -30.28
C ARG D 293 -22.30 1.52 -28.86
N LEU D 294 -21.35 1.65 -27.93
CA LEU D 294 -21.60 1.18 -26.56
C LEU D 294 -22.58 2.12 -25.83
N PHE D 295 -23.73 1.56 -25.43
CA PHE D 295 -24.78 2.23 -24.65
C PHE D 295 -25.46 3.34 -25.45
N GLU D 296 -25.40 3.21 -26.78
CA GLU D 296 -25.97 4.11 -27.77
C GLU D 296 -27.46 4.41 -27.52
N GLN D 297 -28.27 3.37 -27.26
CA GLN D 297 -29.71 3.43 -27.02
C GLN D 297 -30.11 4.17 -25.74
N VAL D 298 -29.21 4.24 -24.74
CA VAL D 298 -29.57 4.79 -23.42
C VAL D 298 -28.98 6.19 -23.14
N MET D 299 -27.98 6.63 -23.91
CA MET D 299 -27.42 7.97 -23.68
C MET D 299 -27.36 8.79 -24.97
N ARG D 300 -26.91 10.06 -24.85
CA ARG D 300 -26.80 11.01 -25.95
C ARG D 300 -25.80 10.62 -27.05
N ILE D 301 -24.74 9.89 -26.67
CA ILE D 301 -23.68 9.50 -27.59
C ILE D 301 -23.15 8.10 -27.25
N GLY D 302 -22.89 7.29 -28.28
CA GLY D 302 -22.33 5.96 -28.11
C GLY D 302 -20.94 6.09 -27.54
N LEU D 303 -20.65 5.30 -26.51
CA LEU D 303 -19.36 5.31 -25.84
C LEU D 303 -18.35 4.50 -26.68
N ASP D 304 -17.08 4.48 -26.28
CA ASP D 304 -15.99 3.71 -26.87
C ASP D 304 -15.37 2.99 -25.67
N LEU D 305 -15.70 1.69 -25.49
CA LEU D 305 -15.21 0.87 -24.37
C LEU D 305 -13.65 0.78 -24.33
N PRO D 306 -12.91 0.38 -25.40
CA PRO D 306 -11.43 0.41 -25.32
C PRO D 306 -10.85 1.79 -24.93
N ALA D 307 -11.44 2.88 -25.44
CA ALA D 307 -11.00 4.25 -25.07
C ALA D 307 -11.31 4.57 -23.59
N LEU D 308 -12.48 4.12 -23.08
CA LEU D 308 -12.86 4.32 -21.68
C LEU D 308 -11.87 3.57 -20.76
N ASN D 309 -11.45 2.35 -21.17
CA ASN D 309 -10.50 1.53 -20.41
C ASN D 309 -9.20 2.29 -20.20
N MET D 310 -8.72 2.96 -21.26
CA MET D 310 -7.49 3.76 -21.28
C MET D 310 -7.63 5.03 -20.46
N GLN D 311 -8.75 5.74 -20.61
CA GLN D 311 -9.02 6.92 -19.79
C GLN D 311 -9.12 6.52 -18.28
N ARG D 312 -9.71 5.33 -17.97
CA ARG D 312 -9.87 4.80 -16.61
C ARG D 312 -8.54 4.50 -15.96
N SER D 313 -7.60 3.88 -16.71
CA SER D 313 -6.26 3.61 -16.16
C SER D 313 -5.58 4.92 -15.73
N ARG D 314 -5.82 6.04 -16.49
CA ARG D 314 -5.28 7.37 -16.18
C ARG D 314 -5.95 7.96 -14.95
N ASP D 315 -7.30 7.89 -14.93
CA ASP D 315 -8.15 8.28 -13.79
C ASP D 315 -7.67 7.59 -12.50
N HIS D 316 -7.31 6.31 -12.61
CA HIS D 316 -6.84 5.50 -11.48
C HIS D 316 -5.34 5.65 -11.19
N GLY D 317 -4.66 6.52 -11.94
CA GLY D 317 -3.23 6.78 -11.79
C GLY D 317 -2.40 5.52 -11.95
N LEU D 318 -2.75 4.70 -12.92
CA LEU D 318 -2.03 3.45 -13.10
C LEU D 318 -0.73 3.66 -13.88
N PRO D 319 0.39 3.06 -13.39
CA PRO D 319 1.64 3.11 -14.17
C PRO D 319 1.44 2.54 -15.59
N GLY D 320 2.34 2.91 -16.49
CA GLY D 320 2.29 2.48 -17.88
C GLY D 320 2.84 1.08 -18.07
N TYR D 321 2.80 0.58 -19.32
CA TYR D 321 3.16 -0.77 -19.75
C TYR D 321 4.50 -1.30 -19.17
N ASN D 322 5.61 -0.55 -19.33
CA ASN D 322 6.94 -0.96 -18.85
C ASN D 322 7.07 -1.10 -17.33
N ALA D 323 6.36 -0.23 -16.56
CA ALA D 323 6.40 -0.34 -15.11
C ALA D 323 5.74 -1.68 -14.66
N TRP D 324 4.61 -2.07 -15.33
CA TRP D 324 3.95 -3.35 -15.09
C TRP D 324 4.77 -4.52 -15.61
N ARG D 325 5.53 -4.34 -16.73
CA ARG D 325 6.42 -5.38 -17.25
C ARG D 325 7.51 -5.73 -16.21
N ARG D 326 8.20 -4.69 -15.67
CA ARG D 326 9.23 -4.75 -14.62
C ARG D 326 8.68 -5.41 -13.34
N PHE D 327 7.47 -5.03 -12.93
CA PHE D 327 6.77 -5.61 -11.77
C PHE D 327 6.67 -7.14 -11.95
N CYS D 328 6.35 -7.59 -13.15
CA CYS D 328 6.22 -9.01 -13.51
C CYS D 328 7.56 -9.71 -13.85
N GLY D 329 8.68 -9.00 -13.73
CA GLY D 329 10.00 -9.53 -14.08
C GLY D 329 10.13 -9.80 -15.56
N LEU D 330 9.40 -9.04 -16.38
CA LEU D 330 9.37 -9.18 -17.84
C LEU D 330 10.19 -8.05 -18.49
N PRO D 331 10.95 -8.33 -19.56
CA PRO D 331 11.77 -7.27 -20.18
C PRO D 331 10.96 -6.03 -20.58
N GLN D 332 11.56 -4.85 -20.36
CA GLN D 332 10.94 -3.56 -20.64
C GLN D 332 11.56 -2.95 -21.94
N PRO D 333 10.85 -3.06 -23.08
CA PRO D 333 11.39 -2.50 -24.34
C PRO D 333 11.45 -0.97 -24.36
N GLU D 334 12.56 -0.40 -24.81
CA GLU D 334 12.74 1.07 -24.88
C GLU D 334 12.57 1.57 -26.33
N THR D 335 13.01 0.79 -27.34
CA THR D 335 12.95 1.19 -28.76
C THR D 335 11.77 0.55 -29.51
N VAL D 336 11.51 0.99 -30.76
CA VAL D 336 10.44 0.43 -31.60
C VAL D 336 10.80 -1.02 -32.00
N GLY D 337 12.09 -1.29 -32.25
CA GLY D 337 12.59 -2.61 -32.60
C GLY D 337 12.41 -3.60 -31.45
N GLN D 338 12.76 -3.17 -30.22
CA GLN D 338 12.62 -3.96 -28.97
C GLN D 338 11.15 -4.22 -28.69
N LEU D 339 10.28 -3.20 -28.87
CA LEU D 339 8.83 -3.35 -28.71
C LEU D 339 8.31 -4.38 -29.74
N GLY D 340 8.77 -4.25 -30.99
CA GLY D 340 8.44 -5.16 -32.08
C GLY D 340 8.77 -6.62 -31.78
N THR D 341 9.94 -6.87 -31.17
CA THR D 341 10.38 -8.20 -30.74
C THR D 341 9.46 -8.76 -29.62
N VAL D 342 9.13 -7.93 -28.62
CA VAL D 342 8.23 -8.28 -27.52
C VAL D 342 6.84 -8.67 -28.04
N LEU D 343 6.26 -7.84 -28.94
CA LEU D 343 4.95 -8.11 -29.56
C LEU D 343 4.96 -9.14 -30.73
N ARG D 344 6.16 -9.50 -31.27
CA ARG D 344 6.31 -10.38 -32.45
C ARG D 344 5.49 -9.78 -33.61
N ASN D 345 5.48 -8.46 -33.66
CA ASN D 345 4.72 -7.65 -34.59
C ASN D 345 5.33 -6.26 -34.56
N LEU D 346 6.10 -5.94 -35.59
CA LEU D 346 6.75 -4.62 -35.72
C LEU D 346 5.75 -3.55 -36.14
N LYS D 347 4.79 -3.87 -37.05
CA LYS D 347 3.78 -2.93 -37.53
C LYS D 347 2.93 -2.37 -36.37
N LEU D 348 2.50 -3.24 -35.45
CA LEU D 348 1.75 -2.85 -34.24
C LEU D 348 2.64 -2.00 -33.30
N ALA D 349 3.92 -2.40 -33.13
CA ALA D 349 4.89 -1.68 -32.30
C ALA D 349 5.08 -0.23 -32.83
N ARG D 350 5.12 -0.08 -34.17
CA ARG D 350 5.26 1.23 -34.84
C ARG D 350 4.07 2.14 -34.55
N LYS D 351 2.85 1.59 -34.58
CA LYS D 351 1.60 2.31 -34.31
C LYS D 351 1.53 2.76 -32.83
N LEU D 352 1.96 1.86 -31.91
CA LEU D 352 2.02 2.16 -30.47
C LEU D 352 3.04 3.27 -30.18
N MET D 353 4.22 3.23 -30.84
CA MET D 353 5.25 4.25 -30.68
C MET D 353 4.77 5.60 -31.23
N GLU D 354 4.01 5.59 -32.34
CA GLU D 354 3.46 6.77 -32.99
C GLU D 354 2.45 7.44 -32.06
N GLN D 355 1.57 6.65 -31.42
CA GLN D 355 0.57 7.16 -30.50
C GLN D 355 1.18 7.60 -29.16
N TYR D 356 2.03 6.76 -28.56
CA TYR D 356 2.54 6.99 -27.21
C TYR D 356 3.93 7.61 -27.07
N GLY D 357 4.77 7.57 -28.10
CA GLY D 357 6.12 8.13 -28.03
C GLY D 357 7.14 7.22 -27.40
N THR D 358 6.78 6.59 -26.26
CA THR D 358 7.59 5.64 -25.49
C THR D 358 6.75 4.45 -25.00
N PRO D 359 7.30 3.20 -24.97
CA PRO D 359 6.54 2.07 -24.42
C PRO D 359 6.26 2.21 -22.92
N ASN D 360 6.93 3.18 -22.26
CA ASN D 360 6.73 3.46 -20.83
C ASN D 360 5.33 4.00 -20.57
N ASN D 361 4.77 4.73 -21.56
CA ASN D 361 3.48 5.44 -21.51
C ASN D 361 2.31 4.65 -22.04
N ILE D 362 2.54 3.47 -22.66
CA ILE D 362 1.43 2.66 -23.19
C ILE D 362 0.51 2.33 -22.01
N ASP D 363 -0.81 2.62 -22.15
CA ASP D 363 -1.78 2.33 -21.08
C ASP D 363 -1.86 0.83 -20.89
N ILE D 364 -1.93 0.38 -19.65
CA ILE D 364 -1.91 -1.04 -19.27
C ILE D 364 -2.91 -1.93 -20.12
N TRP D 365 -4.18 -1.53 -20.30
CA TRP D 365 -5.09 -2.34 -21.11
C TRP D 365 -4.56 -2.48 -22.52
N MET D 366 -4.16 -1.37 -23.13
CA MET D 366 -3.66 -1.33 -24.50
C MET D 366 -2.43 -2.21 -24.72
N GLY D 367 -1.40 -2.08 -23.88
CA GLY D 367 -0.21 -2.93 -24.02
C GLY D 367 -0.47 -4.38 -23.68
N GLY D 368 -1.32 -4.60 -22.70
CA GLY D 368 -1.66 -5.95 -22.26
C GLY D 368 -2.36 -6.75 -23.34
N VAL D 369 -3.39 -6.15 -23.99
CA VAL D 369 -4.15 -6.87 -25.04
C VAL D 369 -3.35 -6.97 -26.36
N SER D 370 -2.32 -6.10 -26.56
CA SER D 370 -1.48 -6.08 -27.75
C SER D 370 -0.51 -7.26 -27.80
N GLU D 371 -0.11 -7.78 -26.62
CA GLU D 371 0.84 -8.88 -26.52
C GLU D 371 0.36 -10.16 -27.18
N PRO D 372 1.25 -10.90 -27.90
CA PRO D 372 0.83 -12.18 -28.50
C PRO D 372 0.41 -13.19 -27.42
N LEU D 373 -0.65 -13.94 -27.69
CA LEU D 373 -1.24 -14.87 -26.74
C LEU D 373 -0.39 -16.08 -26.42
N LYS D 374 -0.37 -16.41 -25.14
CA LYS D 374 0.27 -17.57 -24.55
C LYS D 374 -0.31 -18.83 -25.22
N ARG D 375 0.54 -19.83 -25.51
CA ARG D 375 0.10 -21.11 -26.10
C ARG D 375 -0.98 -21.72 -25.19
N LYS D 376 -2.16 -22.01 -25.79
CA LYS D 376 -3.37 -22.55 -25.18
C LYS D 376 -4.05 -21.55 -24.17
N GLY D 377 -3.62 -20.29 -24.23
CA GLY D 377 -4.16 -19.22 -23.39
C GLY D 377 -4.81 -18.13 -24.22
N ARG D 378 -5.45 -17.14 -23.56
CA ARG D 378 -6.09 -16.04 -24.28
C ARG D 378 -5.59 -14.65 -23.84
N VAL D 379 -4.41 -14.64 -23.18
CA VAL D 379 -3.66 -13.47 -22.74
C VAL D 379 -2.17 -13.68 -23.04
N GLY D 380 -1.41 -12.59 -23.16
CA GLY D 380 0.04 -12.62 -23.32
C GLY D 380 0.72 -12.70 -21.95
N PRO D 381 2.09 -12.66 -21.88
CA PRO D 381 2.79 -12.76 -20.58
C PRO D 381 2.42 -11.76 -19.48
N LEU D 382 2.20 -10.49 -19.84
CA LEU D 382 1.92 -9.43 -18.87
C LEU D 382 0.56 -9.61 -18.18
N LEU D 383 -0.51 -9.81 -18.97
CA LEU D 383 -1.85 -10.00 -18.43
C LEU D 383 -1.93 -11.30 -17.66
N ALA D 384 -1.20 -12.37 -18.09
CA ALA D 384 -1.15 -13.66 -17.41
C ALA D 384 -0.55 -13.50 -16.02
N CYS D 385 0.49 -12.66 -15.89
CA CYS D 385 1.13 -12.36 -14.61
C CYS D 385 0.14 -11.59 -13.72
N ILE D 386 -0.49 -10.54 -14.27
CA ILE D 386 -1.45 -9.77 -13.48
C ILE D 386 -2.68 -10.63 -13.03
N ILE D 387 -3.34 -11.27 -14.00
CA ILE D 387 -4.51 -12.11 -13.78
C ILE D 387 -4.14 -13.26 -12.86
N GLY D 388 -3.05 -13.98 -13.15
CA GLY D 388 -2.58 -15.13 -12.36
C GLY D 388 -2.29 -14.80 -10.90
N THR D 389 -1.52 -13.71 -10.65
CA THR D 389 -1.18 -13.22 -9.29
C THR D 389 -2.46 -12.90 -8.51
N GLN D 390 -3.41 -12.18 -9.15
CA GLN D 390 -4.68 -11.82 -8.50
C GLN D 390 -5.45 -13.05 -8.08
N PHE D 391 -5.69 -13.98 -9.01
CA PHE D 391 -6.48 -15.18 -8.68
C PHE D 391 -5.74 -16.12 -7.71
N ARG D 392 -4.41 -16.02 -7.60
CA ARG D 392 -3.68 -16.81 -6.59
C ARG D 392 -3.97 -16.24 -5.21
N LYS D 393 -3.94 -14.90 -5.08
CA LYS D 393 -4.23 -14.20 -3.81
C LYS D 393 -5.66 -14.42 -3.31
N LEU D 394 -6.65 -14.47 -4.24
CA LEU D 394 -8.07 -14.66 -3.95
C LEU D 394 -8.36 -16.06 -3.46
N ARG D 395 -7.56 -17.03 -3.91
CA ARG D 395 -7.69 -18.42 -3.52
C ARG D 395 -6.97 -18.64 -2.20
N ASP D 396 -5.63 -18.36 -2.17
CA ASP D 396 -4.80 -18.60 -0.99
C ASP D 396 -5.16 -17.73 0.23
N GLY D 397 -5.68 -16.53 -0.03
CA GLY D 397 -6.06 -15.60 1.05
C GLY D 397 -7.53 -15.63 1.40
N ASP D 398 -8.20 -16.72 1.06
CA ASP D 398 -9.62 -16.89 1.35
C ASP D 398 -9.82 -17.99 2.37
N ARG D 399 -10.24 -17.62 3.59
CA ARG D 399 -10.53 -18.54 4.69
C ARG D 399 -11.69 -19.49 4.34
N PHE D 400 -12.60 -19.04 3.43
CA PHE D 400 -13.76 -19.82 3.02
C PHE D 400 -13.57 -20.48 1.65
N TRP D 401 -12.30 -20.62 1.18
CA TRP D 401 -11.98 -21.34 -0.07
C TRP D 401 -12.52 -22.79 0.12
N TRP D 402 -13.24 -23.34 -0.87
CA TRP D 402 -13.95 -24.63 -0.76
C TRP D 402 -13.07 -25.83 -0.34
N GLU D 403 -11.74 -25.76 -0.58
CA GLU D 403 -10.79 -26.84 -0.23
C GLU D 403 -10.09 -26.60 1.10
N ASN D 404 -10.29 -25.41 1.72
CA ASN D 404 -9.72 -25.14 3.04
C ASN D 404 -10.38 -26.08 4.06
N GLU D 405 -9.57 -26.70 4.94
CA GLU D 405 -10.07 -27.64 5.95
C GLU D 405 -11.09 -26.96 6.87
N GLY D 406 -12.20 -27.65 7.12
CA GLY D 406 -13.28 -27.16 7.98
C GLY D 406 -14.40 -26.45 7.26
N VAL D 407 -14.16 -26.02 6.01
CA VAL D 407 -15.16 -25.30 5.20
C VAL D 407 -16.26 -26.29 4.78
N PHE D 408 -15.85 -27.40 4.17
CA PHE D 408 -16.74 -28.49 3.81
C PHE D 408 -16.14 -29.75 4.41
N SER D 409 -16.97 -30.78 4.59
CA SER D 409 -16.51 -32.09 5.04
C SER D 409 -15.83 -32.73 3.82
N MET D 410 -15.08 -33.83 4.02
CA MET D 410 -14.39 -34.53 2.94
C MET D 410 -15.38 -35.07 1.90
N GLN D 411 -16.53 -35.56 2.36
CA GLN D 411 -17.63 -36.07 1.55
C GLN D 411 -18.30 -34.97 0.70
N GLN D 412 -18.46 -33.76 1.26
CA GLN D 412 -19.06 -32.62 0.56
C GLN D 412 -18.11 -32.15 -0.55
N ARG D 413 -16.78 -32.12 -0.26
CA ARG D 413 -15.74 -31.74 -1.22
C ARG D 413 -15.72 -32.72 -2.41
N GLN D 414 -15.88 -34.01 -2.13
CA GLN D 414 -15.93 -35.09 -3.13
C GLN D 414 -17.18 -34.93 -4.01
N ALA D 415 -18.33 -34.54 -3.39
CA ALA D 415 -19.58 -34.31 -4.10
C ALA D 415 -19.45 -33.05 -4.98
N LEU D 416 -18.89 -31.96 -4.42
CA LEU D 416 -18.66 -30.69 -5.13
C LEU D 416 -17.71 -30.79 -6.32
N ALA D 417 -16.75 -31.74 -6.32
CA ALA D 417 -15.80 -31.92 -7.44
C ALA D 417 -16.49 -32.40 -8.73
N GLN D 418 -17.73 -32.89 -8.59
CA GLN D 418 -18.55 -33.41 -9.69
C GLN D 418 -19.35 -32.32 -10.39
N ILE D 419 -19.47 -31.14 -9.78
CA ILE D 419 -20.24 -30.04 -10.37
C ILE D 419 -19.59 -29.54 -11.69
N SER D 420 -20.41 -28.96 -12.55
CA SER D 420 -20.03 -28.37 -13.83
C SER D 420 -21.11 -27.38 -14.25
N LEU D 421 -20.72 -26.34 -15.02
CA LEU D 421 -21.68 -25.35 -15.54
C LEU D 421 -22.73 -26.01 -16.47
N PRO D 422 -22.38 -26.96 -17.40
CA PRO D 422 -23.43 -27.63 -18.19
C PRO D 422 -24.52 -28.31 -17.34
N ARG D 423 -24.14 -28.92 -16.16
CA ARG D 423 -25.11 -29.52 -15.23
C ARG D 423 -26.05 -28.47 -14.59
N ILE D 424 -25.53 -27.28 -14.20
CA ILE D 424 -26.33 -26.19 -13.64
C ILE D 424 -27.40 -25.74 -14.66
N ILE D 425 -27.01 -25.69 -15.96
CA ILE D 425 -27.88 -25.37 -17.10
C ILE D 425 -28.95 -26.47 -17.19
N CYS D 426 -28.52 -27.75 -17.12
CA CYS D 426 -29.43 -28.90 -17.15
C CYS D 426 -30.50 -28.84 -16.04
N ASP D 427 -30.08 -28.51 -14.81
CA ASP D 427 -30.94 -28.47 -13.62
C ASP D 427 -31.87 -27.30 -13.49
N ASN D 428 -31.63 -26.20 -14.21
CA ASN D 428 -32.43 -24.99 -14.00
C ASN D 428 -33.07 -24.38 -15.25
N THR D 429 -33.05 -25.09 -16.38
CA THR D 429 -33.63 -24.59 -17.64
C THR D 429 -34.38 -25.69 -18.40
N GLY D 430 -34.92 -25.32 -19.57
CA GLY D 430 -35.59 -26.22 -20.50
C GLY D 430 -34.63 -26.86 -21.49
N ILE D 431 -33.34 -26.50 -21.40
CA ILE D 431 -32.25 -27.02 -22.24
C ILE D 431 -31.95 -28.43 -21.75
N THR D 432 -31.97 -29.39 -22.69
CA THR D 432 -31.75 -30.83 -22.44
C THR D 432 -30.51 -31.36 -23.16
N THR D 433 -29.86 -30.53 -24.00
CA THR D 433 -28.64 -30.82 -24.76
C THR D 433 -27.65 -29.69 -24.49
N VAL D 434 -26.51 -30.00 -23.85
CA VAL D 434 -25.51 -29.01 -23.43
C VAL D 434 -24.13 -29.37 -23.90
N SER D 435 -23.19 -28.42 -23.73
CA SER D 435 -21.78 -28.59 -24.10
C SER D 435 -21.14 -29.69 -23.26
N LYS D 436 -20.22 -30.43 -23.89
CA LYS D 436 -19.40 -31.42 -23.20
C LYS D 436 -18.35 -30.59 -22.46
N ASN D 437 -17.81 -31.11 -21.36
CA ASN D 437 -16.74 -30.46 -20.62
C ASN D 437 -15.48 -30.51 -21.49
N ASN D 438 -14.73 -29.39 -21.65
CA ASN D 438 -14.89 -28.09 -20.98
C ASN D 438 -15.84 -27.19 -21.78
N ILE D 439 -16.93 -26.71 -21.13
CA ILE D 439 -17.92 -25.77 -21.68
C ILE D 439 -17.26 -24.51 -22.33
N PHE D 440 -16.10 -24.08 -21.81
CA PHE D 440 -15.43 -22.85 -22.32
C PHE D 440 -14.61 -23.11 -23.57
N MET D 441 -14.40 -24.37 -23.92
CA MET D 441 -13.72 -24.79 -25.14
C MET D 441 -14.77 -25.22 -26.15
N SER D 442 -15.69 -26.11 -25.74
CA SER D 442 -16.81 -26.63 -26.55
C SER D 442 -17.56 -25.44 -27.16
N ASN D 443 -17.81 -25.45 -28.50
CA ASN D 443 -18.50 -24.34 -29.18
C ASN D 443 -19.24 -24.73 -30.47
N SER D 444 -19.16 -26.01 -30.88
CA SER D 444 -19.74 -26.47 -32.13
C SER D 444 -20.82 -27.53 -31.94
N TYR D 445 -22.06 -27.23 -32.36
CA TYR D 445 -23.18 -28.16 -32.30
C TYR D 445 -23.26 -29.00 -33.60
N PRO D 446 -23.45 -30.34 -33.54
CA PRO D 446 -23.65 -31.17 -32.34
C PRO D 446 -22.40 -31.87 -31.81
N ARG D 447 -21.23 -31.67 -32.47
CA ARG D 447 -19.94 -32.29 -32.16
C ARG D 447 -19.54 -32.17 -30.67
N ASP D 448 -19.70 -30.97 -30.10
CA ASP D 448 -19.31 -30.66 -28.74
C ASP D 448 -20.49 -30.72 -27.77
N PHE D 449 -21.59 -31.41 -28.13
CA PHE D 449 -22.79 -31.44 -27.31
C PHE D 449 -23.23 -32.84 -26.90
N VAL D 450 -23.79 -32.95 -25.68
CA VAL D 450 -24.31 -34.19 -25.08
C VAL D 450 -25.67 -33.94 -24.44
N ASN D 451 -26.46 -35.01 -24.23
CA ASN D 451 -27.76 -34.88 -23.55
C ASN D 451 -27.48 -34.75 -22.06
N CYS D 452 -28.30 -33.93 -21.38
CA CYS D 452 -28.24 -33.68 -19.94
C CYS D 452 -28.22 -34.96 -19.11
N SER D 453 -28.98 -35.98 -19.54
CA SER D 453 -29.13 -37.29 -18.88
C SER D 453 -27.81 -38.08 -18.69
N THR D 454 -26.74 -37.75 -19.43
CA THR D 454 -25.42 -38.40 -19.32
C THR D 454 -24.55 -37.73 -18.24
N LEU D 455 -24.95 -36.52 -17.79
CA LEU D 455 -24.18 -35.73 -16.83
C LEU D 455 -24.49 -36.01 -15.37
N PRO D 456 -23.45 -36.16 -14.52
CA PRO D 456 -23.69 -36.42 -13.10
C PRO D 456 -24.21 -35.19 -12.36
N ALA D 457 -25.26 -35.40 -11.55
CA ALA D 457 -25.86 -34.35 -10.73
C ALA D 457 -25.03 -34.18 -9.44
N LEU D 458 -25.19 -33.05 -8.74
CA LEU D 458 -24.52 -32.83 -7.46
C LEU D 458 -25.28 -33.70 -6.43
N ASN D 459 -24.56 -34.57 -5.72
CA ASN D 459 -25.14 -35.44 -4.70
C ASN D 459 -25.17 -34.68 -3.37
N LEU D 460 -26.37 -34.28 -2.92
CA LEU D 460 -26.53 -33.53 -1.67
C LEU D 460 -26.60 -34.40 -0.41
N ALA D 461 -26.51 -35.76 -0.54
CA ALA D 461 -26.59 -36.71 0.60
C ALA D 461 -25.72 -36.34 1.80
N SER D 462 -24.45 -35.92 1.58
CA SER D 462 -23.56 -35.56 2.68
C SER D 462 -23.90 -34.21 3.36
N TRP D 463 -24.99 -33.54 2.92
CA TRP D 463 -25.52 -32.33 3.56
C TRP D 463 -26.63 -32.71 4.58
N ARG D 464 -27.04 -34.00 4.62
CA ARG D 464 -28.03 -34.45 5.61
C ARG D 464 -27.37 -34.40 7.00
N GLU D 465 -27.91 -33.56 7.91
CA GLU D 465 -27.37 -33.33 9.26
C GLU D 465 -27.43 -34.58 10.14
C1 NAG E . 14.56 -1.72 -9.89
C2 NAG E . 15.08 -3.06 -10.40
C3 NAG E . 13.81 -3.88 -10.69
C4 NAG E . 12.95 -4.04 -9.45
C5 NAG E . 12.71 -2.72 -8.70
C6 NAG E . 12.29 -2.94 -7.27
C7 NAG E . 17.15 -2.92 -11.74
C8 NAG E . 17.71 -2.60 -13.10
N2 NAG E . 15.82 -2.85 -11.64
O3 NAG E . 14.16 -5.16 -11.20
O4 NAG E . 11.67 -4.58 -9.80
O5 NAG E . 13.94 -1.98 -8.63
O6 NAG E . 13.26 -3.71 -6.57
O7 NAG E . 17.88 -3.19 -10.79
C1 NAG E . 11.20 -5.70 -9.08
C2 NAG E . 9.67 -5.69 -9.10
C3 NAG E . 9.19 -7.01 -8.51
C4 NAG E . 9.81 -8.18 -9.27
C5 NAG E . 11.34 -8.13 -9.14
C6 NAG E . 12.04 -9.17 -9.96
C7 NAG E . 8.81 -3.38 -8.90
C8 NAG E . 8.42 -2.30 -7.94
N2 NAG E . 9.12 -4.56 -8.36
O3 NAG E . 7.77 -7.09 -8.57
O4 NAG E . 9.31 -9.41 -8.76
O5 NAG E . 11.82 -6.86 -9.61
O6 NAG E . 11.76 -9.02 -11.34
O7 NAG E . 8.85 -3.20 -10.12
C1 BMA E . 8.49 -10.21 -9.62
C2 BMA E . 9.11 -11.60 -9.71
C3 BMA E . 8.24 -12.47 -10.61
C4 BMA E . 6.81 -12.53 -10.08
C5 BMA E . 6.23 -11.12 -9.87
C6 BMA E . 4.94 -11.16 -9.10
O2 BMA E . 9.19 -12.17 -8.40
O3 BMA E . 8.79 -13.76 -10.77
O4 BMA E . 5.97 -13.23 -10.98
O5 BMA E . 7.15 -10.29 -9.12
O6 BMA E . 4.39 -9.88 -8.88
C1 FUC E . 12.78 -4.32 -5.42
C2 FUC E . 13.49 -5.67 -5.25
C3 FUC E . 14.94 -5.50 -4.81
C4 FUC E . 15.04 -4.59 -3.59
C5 FUC E . 14.38 -3.25 -3.93
C6 FUC E . 14.42 -2.23 -2.83
O2 FUC E . 13.46 -6.40 -6.47
O3 FUC E . 15.52 -6.76 -4.50
O4 FUC E . 14.41 -5.21 -2.49
O5 FUC E . 12.98 -3.48 -4.26
C1 NAG F . 2.14 -17.19 3.42
C2 NAG F . 3.43 -17.99 3.22
C3 NAG F . 4.55 -16.98 3.55
C4 NAG F . 4.48 -15.75 2.64
C5 NAG F . 3.07 -15.16 2.57
C6 NAG F . 2.88 -14.23 1.38
C7 NAG F . 3.36 -20.40 3.76
C8 NAG F . 3.43 -21.42 4.85
N2 NAG F . 3.49 -19.11 4.14
O3 NAG F . 5.82 -17.61 3.42
O4 NAG F . 5.35 -14.77 3.17
O5 NAG F . 2.10 -16.20 2.41
O6 NAG F . 3.17 -14.93 0.17
O7 NAG F . 3.19 -20.71 2.59
C1 NAG F . 6.29 -14.17 2.31
C2 NAG F . 6.56 -12.79 2.91
C3 NAG F . 7.63 -12.13 2.02
C4 NAG F . 8.88 -12.99 1.98
C5 NAG F . 8.55 -14.38 1.44
C6 NAG F . 9.70 -15.37 1.52
C7 NAG F . 4.57 -11.74 3.93
C8 NAG F . 3.22 -11.16 3.64
N2 NAG F . 5.32 -12.03 2.86
O3 NAG F . 7.90 -10.83 2.54
O4 NAG F . 9.92 -12.37 1.24
O5 NAG F . 7.48 -14.96 2.22
O6 NAG F . 10.08 -15.61 2.87
O7 NAG F . 4.95 -11.97 5.07
C1 BMA F . 11.09 -11.98 1.96
C2 BMA F . 12.31 -12.65 1.36
C3 BMA F . 13.56 -12.25 2.14
C4 BMA F . 13.71 -10.73 2.22
C5 BMA F . 12.42 -10.09 2.72
C6 BMA F . 12.44 -8.59 2.63
O2 BMA F . 12.41 -12.29 -0.02
O3 BMA F . 14.73 -12.87 1.63
O4 BMA F . 14.73 -10.36 3.14
O5 BMA F . 11.28 -10.55 1.96
O6 BMA F . 11.29 -8.03 3.23
C1 FUC F . 3.26 -14.13 -0.99
C2 FUC F . 4.32 -14.74 -1.93
C3 FUC F . 3.82 -16.04 -2.54
C4 FUC F . 2.48 -15.84 -3.24
C5 FUC F . 1.48 -15.26 -2.23
C6 FUC F . 0.12 -14.96 -2.84
O2 FUC F . 5.56 -14.93 -1.25
O3 FUC F . 4.78 -16.57 -3.46
O4 FUC F . 2.64 -14.96 -4.35
O5 FUC F . 1.99 -14.03 -1.67
CHA HEM G . 10.34 8.41 18.75
CHB HEM G . 12.44 10.11 22.65
CHC HEM G . 16.71 8.49 21.11
CHD HEM G . 14.58 6.73 17.15
C1A HEM G . 10.56 8.94 20.02
C2A HEM G . 9.54 9.53 20.87
C3A HEM G . 10.13 9.88 21.98
C4A HEM G . 11.48 9.62 21.81
CMA HEM G . 9.44 10.57 23.14
CAA HEM G . 8.06 9.64 20.61
CBA HEM G . 7.47 8.44 21.43
CGA HEM G . 5.99 8.10 21.33
O1A HEM G . 5.18 8.52 22.08
O2A HEM G . 5.54 7.26 20.40
C1B HEM G . 13.81 9.93 22.48
C2B HEM G . 14.77 10.63 23.33
C3B HEM G . 16.00 10.17 22.90
C4B HEM G . 15.73 9.22 21.77
CMB HEM G . 14.45 11.59 24.52
CAB HEM G . 17.38 10.50 23.38
CBB HEM G . 17.71 11.54 24.13
C1C HEM G . 16.46 7.72 19.99
C2C HEM G . 17.47 7.07 19.22
C3C HEM G . 16.84 6.53 18.08
C4C HEM G . 15.48 6.94 18.16
CMC HEM G . 18.92 7.00 19.64
CAC HEM G . 17.33 5.71 16.91
CBC HEM G . 18.51 5.20 16.81
C1D HEM G . 13.23 7.14 17.25
C2D HEM G . 12.26 7.02 16.13
C3D HEM G . 11.09 7.45 16.60
C4D HEM G . 11.35 7.88 17.97
CMD HEM G . 12.50 6.53 14.75
CAD HEM G . 9.79 7.66 15.83
CBD HEM G . 9.84 9.06 15.24
CGD HEM G . 8.60 9.54 14.52
O1D HEM G . 7.86 10.39 15.03
O2D HEM G . 8.30 9.08 13.33
NA HEM G . 11.79 8.93 20.65
NB HEM G . 14.37 9.13 21.52
NC HEM G . 15.21 7.60 19.38
ND HEM G . 12.66 7.69 18.34
FE HEM G . 13.45 8.08 20.11
CL CL H . 12.96 13.16 20.15
CL CL I . -2.24 -1.43 -8.64
CHA HEM J . -15.60 -2.39 -16.88
CHB HEM J . -18.96 -2.90 -20.22
CHC HEM J . -17.73 -7.49 -20.67
CHD HEM J . -14.34 -7.05 -17.37
C1A HEM J . -16.56 -2.11 -17.83
C2A HEM J . -17.24 -0.85 -17.98
C3A HEM J . -18.10 -1.00 -19.00
C4A HEM J . -18.03 -2.34 -19.36
CMA HEM J . -19.06 0.05 -19.50
CAA HEM J . -17.03 0.49 -17.26
CBA HEM J . -16.18 1.36 -18.23
CGA HEM J . -15.45 2.57 -17.72
O1A HEM J . -15.91 3.70 -17.81
O2A HEM J . -14.25 2.48 -17.18
C1B HEM J . -18.94 -4.24 -20.58
C2B HEM J . -19.95 -4.83 -21.40
C3B HEM J . -19.62 -6.16 -21.56
C4B HEM J . -18.37 -6.33 -20.77
CMB HEM J . -21.11 -4.08 -21.99
CAB HEM J . -20.27 -7.25 -22.29
CBB HEM J . -21.57 -7.32 -22.61
C1C HEM J . -16.63 -7.75 -19.90
C2C HEM J . -15.94 -9.02 -19.84
C3C HEM J . -14.93 -8.87 -18.89
C4C HEM J . -15.09 -7.54 -18.40
CMC HEM J . -16.25 -10.28 -20.64
CAC HEM J . -13.89 -9.87 -18.38
CBC HEM J . -13.66 -11.08 -18.88
C1D HEM J . -14.47 -5.74 -16.92
C2D HEM J . -13.82 -5.26 -15.67
C3D HEM J . -14.08 -3.91 -15.58
C4D HEM J . -14.99 -3.63 -16.73
CMD HEM J . -13.03 -6.11 -14.73
CAD HEM J . -13.79 -2.97 -14.42
CBD HEM J . -14.97 -3.22 -13.46
CGD HEM J . -15.06 -2.35 -12.18
O1D HEM J . -15.86 -1.46 -12.09
O2D HEM J . -14.30 -2.55 -11.09
NA HEM J . -17.00 -3.04 -18.74
NB HEM J . -17.99 -5.13 -20.20
NC HEM J . -16.05 -6.83 -19.09
ND HEM J . -15.20 -4.77 -17.51
FE HEM J . -16.34 -4.86 -19.14
CL CL K . -20.89 -4.28 -17.35
CL CL L . 4.53 -1.19 7.64
C2 UE8 M . 9.55 12.05 18.59
N6 UE8 M . 7.82 13.81 20.17
C7 UE8 M . 6.93 14.71 20.89
C8 UE8 M . 6.40 14.11 22.18
C10 UE8 M . 5.73 15.23 22.97
C11 UE8 M . 4.59 14.51 23.64
C12 UE8 M . 4.20 13.48 22.61
C14 UE8 M . 7.33 13.06 19.06
C16 UE8 M . 6.08 12.23 17.58
C19 UE8 M . 8.15 12.23 18.33
O1 UE8 M . 10.30 11.34 17.93
N3 UE8 M . 9.95 12.82 19.69
C4 UE8 M . 9.21 13.70 20.51
S5 UE8 M . 9.97 14.52 21.74
O13 UE8 M . 5.40 13.12 21.89
N15 UE8 M . 6.04 13.06 18.59
N17 UE8 M . 7.34 11.70 17.39
CA CA N . 15.11 13.85 5.07
CL CL O . 39.80 19.25 23.11
C1 NAG P . 23.29 37.08 9.03
C2 NAG P . 23.14 37.06 10.55
C3 NAG P . 23.94 38.19 11.21
C4 NAG P . 25.38 38.19 10.71
C5 NAG P . 25.43 38.24 9.19
C6 NAG P . 26.83 38.11 8.62
C7 NAG P . 21.02 36.06 11.30
C8 NAG P . 19.57 36.32 11.60
N2 NAG P . 21.74 37.14 10.92
O3 NAG P . 23.91 38.01 12.62
O4 NAG P . 26.09 39.30 11.27
O5 NAG P . 24.67 37.16 8.63
O6 NAG P . 27.38 36.83 8.91
O7 NAG P . 21.51 34.95 11.41
C1 NAG Q . 18.84 27.21 36.62
C2 NAG Q . 19.79 26.28 37.38
C3 NAG Q . 20.69 27.13 38.28
C4 NAG Q . 21.43 28.19 37.47
C5 NAG Q . 20.43 29.06 36.72
C6 NAG Q . 21.10 30.06 35.79
C7 NAG Q . 19.38 24.02 38.30
C8 NAG Q . 18.56 23.22 39.24
N2 NAG Q . 19.04 25.32 38.16
O3 NAG Q . 21.63 26.30 38.97
O4 NAG Q . 22.24 28.98 38.33
O5 NAG Q . 19.56 28.24 35.91
O6 NAG Q . 20.14 30.93 35.22
O7 NAG Q . 20.33 23.54 37.68
C1 BMA R . 9.76 -8.30 0.39
C2 BMA R . 10.36 -8.42 -1.02
C3 BMA R . 11.42 -7.35 -1.30
C4 BMA R . 10.97 -5.95 -0.89
C5 BMA R . 10.45 -5.98 0.55
C6 BMA R . 9.89 -4.64 1.02
O2 BMA R . 9.32 -8.41 -1.99
O3 BMA R . 11.80 -7.36 -2.67
O4 BMA R . 12.06 -5.05 -0.99
O5 BMA R . 9.39 -6.95 0.67
O6 BMA R . 8.58 -4.39 0.53
C2 UE8 S . -18.92 -1.73 -15.24
N6 UE8 S . -20.74 0.56 -15.38
C7 UE8 S . -21.59 1.73 -15.48
C8 UE8 S . -21.16 2.63 -16.64
C10 UE8 S . -21.85 3.99 -16.55
C11 UE8 S . -20.72 4.99 -16.60
C12 UE8 S . -19.54 4.19 -16.10
C14 UE8 S . -19.60 0.56 -14.55
C16 UE8 S . -18.06 1.12 -13.17
C19 UE8 S . -18.74 -0.52 -14.50
O1 UE8 S . -18.19 -2.71 -15.17
N3 UE8 S . -20.08 -1.67 -16.03
C4 UE8 S . -21.02 -0.60 -16.18
S5 UE8 S . -22.33 -0.76 -17.20
O13 UE8 S . -19.74 2.88 -16.62
N15 UE8 S . -19.16 1.58 -13.73
N17 UE8 S . -17.76 -0.15 -13.61
C1 BMA T . 5.82 -9.12 -6.13
C2 BMA T . 6.20 -10.37 -5.33
C3 BMA T . 5.02 -11.33 -5.20
C4 BMA T . 3.75 -10.62 -4.74
C5 BMA T . 3.47 -9.42 -5.65
C6 BMA T . 2.26 -8.60 -5.24
O2 BMA T . 6.73 -10.01 -4.05
O3 BMA T . 5.34 -12.39 -4.30
O4 BMA T . 2.65 -11.54 -4.76
O5 BMA T . 4.60 -8.54 -5.64
O6 BMA T . 2.54 -7.75 -4.13
C1 NAG U . -41.57 -16.40 -2.12
C2 NAG U . -42.02 -15.69 -3.39
C3 NAG U . -43.43 -16.11 -3.81
C4 NAG U . -43.52 -17.64 -3.88
C5 NAG U . -43.10 -18.25 -2.54
C6 NAG U . -43.06 -19.76 -2.57
C7 NAG U . -40.92 -13.50 -3.71
C8 NAG U . -40.98 -12.04 -3.41
N2 NAG U . -41.94 -14.24 -3.23
O3 NAG U . -43.74 -15.54 -5.07
O4 NAG U . -44.82 -18.05 -4.29
O5 NAG U . -41.77 -17.82 -2.21
O6 NAG U . -42.06 -20.24 -3.48
O7 NAG U . -40.00 -13.99 -4.36
C1 NAG V . -40.19 -3.47 -28.48
C2 NAG V . -39.63 -4.08 -29.76
C3 NAG V . -40.77 -4.70 -30.58
C4 NAG V . -41.60 -5.65 -29.72
C5 NAG V . -42.13 -4.92 -28.48
C6 NAG V . -42.88 -5.82 -27.52
C7 NAG V . -37.80 -3.27 -31.21
C8 NAG V . -37.34 -2.14 -32.09
N2 NAG V . -38.94 -3.07 -30.54
O3 NAG V . -40.21 -5.41 -31.67
O4 NAG V . -42.67 -6.20 -30.48
O5 NAG V . -41.02 -4.37 -27.74
O6 NAG V . -43.40 -5.09 -26.43
O7 NAG V . -37.17 -4.32 -31.11
CA CA W . -17.23 -11.29 -4.38
#